data_9JDL
#
_entry.id   9JDL
#
_cell.length_a   1.00
_cell.length_b   1.00
_cell.length_c   1.00
_cell.angle_alpha   90.00
_cell.angle_beta   90.00
_cell.angle_gamma   90.00
#
_symmetry.space_group_name_H-M   'P 1'
#
loop_
_entity.id
_entity.type
_entity.pdbx_description
1 polymer 'Sodium- and chloride-dependent taurine transporter'
2 non-polymer CHOLESTEROL
#
_entity_poly.entity_id   1
_entity_poly.type   'polypeptide(L)'
_entity_poly.pdbx_seq_one_letter_code
;MATKEKLQCLKDFHKDILKPSPGKSPGTRPEDEAEGKPPQREKWSSKIDFVLSVAGGFVGLGNVWRFPYLCYKNGGGAFL
IPYFIFLFGSGLPVFFLEIIIGQYTSEGGITCWEKICPLFSGIGYASVVIVSLLNVYYIVILAWATYYLFQSFQKELPWA
HCNHSWNTPHCMEDTMRKNKSVWITISSTNFTSPVIEFWERNVLSLSPGIDHPGSLKWDLALCLLLVWLVCFFCIWKGVR
STGKVVYFTATFPFAMLLVLLVRGLTLPGAGAGIKFYLYPDITRLEDPQVWIDAGTQIFFSYAICLGAMTSLGSYNKYKY
NSYRDCMLLGCLNSGTSFVSGFAIFSILGFMAQEQGVDIADVAESGPGLAFIAYPKAVTMMPLPTFWSILFFIMLLLLGL
DSQFVEVEGQITSLVDLYPSFLRKGYRREIFIAFVCSISYLLGLTMVTEGGMYVFQLFDYYAASGVCLLWVAFFECFVIA
WIYGGDNLYDGIEDMIGYRPGPWMKYSWAVITPVLCVGCFIFSLVKYVPLTYNKTYVYPNWAIGLGWSLALSSMLCVPLV
IVIRLCQTEGPFLVRVKYLLTPREPNRWAVEREGATPYNSRTVMNGALVKPTHIIVETMM
;
_entity_poly.pdbx_strand_id   A,B
#
loop_
_chem_comp.id
_chem_comp.type
_chem_comp.name
_chem_comp.formula
CLR non-polymer CHOLESTEROL 'C27 H46 O'
#
# COMPACT_ATOMS: atom_id res chain seq x y z
N ASP A 49 -6.53 23.22 3.27
CA ASP A 49 -5.48 23.63 2.35
C ASP A 49 -4.15 22.98 2.71
N PHE A 50 -3.97 22.69 4.01
CA PHE A 50 -2.73 22.07 4.46
C PHE A 50 -2.58 20.67 3.88
N VAL A 51 -3.66 19.90 3.83
CA VAL A 51 -3.59 18.53 3.33
C VAL A 51 -3.20 18.52 1.85
N LEU A 52 -3.66 19.52 1.10
CA LEU A 52 -3.33 19.59 -0.33
C LEU A 52 -1.84 19.71 -0.55
N SER A 53 -1.16 20.53 0.25
CA SER A 53 0.27 20.69 0.09
C SER A 53 1.04 19.47 0.57
N VAL A 54 0.44 18.66 1.46
CA VAL A 54 1.08 17.42 1.87
C VAL A 54 1.23 16.48 0.67
N ALA A 55 0.19 16.37 -0.14
CA ALA A 55 0.30 15.66 -1.40
C ALA A 55 1.08 16.44 -2.44
N GLY A 56 1.39 17.71 -2.18
CA GLY A 56 2.08 18.55 -3.12
C GLY A 56 3.56 18.72 -2.82
N GLY A 57 3.92 19.82 -2.18
CA GLY A 57 5.33 20.10 -1.94
C GLY A 57 6.02 19.05 -1.08
N PHE A 58 5.28 18.47 -0.13
CA PHE A 58 5.86 17.45 0.74
C PHE A 58 6.32 16.24 -0.06
N VAL A 59 5.50 15.79 -1.01
CA VAL A 59 5.87 14.66 -1.86
C VAL A 59 6.72 15.16 -3.01
N GLY A 60 7.91 14.60 -3.16
CA GLY A 60 8.84 15.05 -4.18
C GLY A 60 9.31 13.91 -5.05
N LEU A 61 9.83 14.28 -6.23
CA LEU A 61 10.39 13.28 -7.13
C LEU A 61 11.59 12.57 -6.52
N GLY A 62 12.29 13.23 -5.59
CA GLY A 62 13.45 12.63 -4.98
C GLY A 62 13.17 11.29 -4.32
N ASN A 63 11.92 11.07 -3.91
CA ASN A 63 11.52 9.76 -3.39
C ASN A 63 11.65 8.69 -4.46
N VAL A 64 11.24 9.00 -5.69
CA VAL A 64 11.31 8.05 -6.80
C VAL A 64 12.49 8.31 -7.73
N TRP A 65 13.12 9.48 -7.64
CA TRP A 65 14.24 9.84 -8.50
C TRP A 65 15.57 9.88 -7.76
N ARG A 66 15.66 10.69 -6.70
CA ARG A 66 16.95 10.88 -6.04
C ARG A 66 17.25 9.76 -5.07
N PHE A 67 16.23 9.25 -4.37
CA PHE A 67 16.46 8.16 -3.43
C PHE A 67 17.07 6.92 -4.07
N PRO A 68 16.56 6.40 -5.19
CA PRO A 68 17.27 5.26 -5.81
C PRO A 68 18.64 5.63 -6.33
N TYR A 69 18.83 6.87 -6.80
CA TYR A 69 20.16 7.30 -7.21
C TYR A 69 21.11 7.38 -6.03
N LEU A 70 20.68 8.01 -4.94
CA LEU A 70 21.56 8.16 -3.79
C LEU A 70 21.92 6.81 -3.20
N CYS A 71 20.96 5.88 -3.14
CA CYS A 71 21.28 4.52 -2.73
C CYS A 71 22.22 3.85 -3.70
N TYR A 72 21.99 4.05 -5.01
CA TYR A 72 22.80 3.39 -6.02
C TYR A 72 24.25 3.86 -5.98
N LYS A 73 24.47 5.17 -5.85
CA LYS A 73 25.82 5.70 -5.88
C LYS A 73 26.62 5.30 -4.65
N ASN A 74 25.97 5.24 -3.48
CA ASN A 74 26.63 4.84 -2.25
C ASN A 74 26.47 3.34 -2.03
N GLY A 75 27.12 2.58 -2.92
CA GLY A 75 27.06 1.13 -2.83
C GLY A 75 25.64 0.62 -2.99
N GLY A 76 25.29 -0.36 -2.16
CA GLY A 76 23.96 -0.93 -2.18
C GLY A 76 23.21 -0.77 -0.88
N GLY A 77 23.05 -1.87 -0.15
CA GLY A 77 22.37 -1.85 1.14
C GLY A 77 23.10 -1.08 2.21
N ALA A 78 24.36 -0.73 1.99
CA ALA A 78 25.09 0.10 2.94
C ALA A 78 24.48 1.48 3.07
N PHE A 79 23.61 1.86 2.12
CA PHE A 79 22.89 3.12 2.21
C PHE A 79 21.73 3.05 3.19
N LEU A 80 21.13 1.86 3.36
CA LEU A 80 19.88 1.75 4.10
C LEU A 80 20.05 2.06 5.57
N ILE A 81 21.07 1.48 6.22
CA ILE A 81 21.25 1.69 7.65
C ILE A 81 21.45 3.17 7.99
N PRO A 82 22.35 3.91 7.34
CA PRO A 82 22.42 5.35 7.61
C PRO A 82 21.11 6.06 7.31
N TYR A 83 20.42 5.65 6.25
CA TYR A 83 19.08 6.15 5.97
C TYR A 83 18.17 5.98 7.17
N PHE A 84 18.09 4.77 7.72
CA PHE A 84 17.15 4.51 8.81
C PHE A 84 17.55 5.20 10.11
N ILE A 85 18.84 5.19 10.46
CA ILE A 85 19.23 5.83 11.71
C ILE A 85 19.02 7.33 11.62
N PHE A 86 19.34 7.92 10.46
CA PHE A 86 19.12 9.35 10.28
C PHE A 86 17.63 9.67 10.32
N LEU A 87 16.80 8.81 9.71
CA LEU A 87 15.35 8.97 9.77
C LEU A 87 14.88 8.99 11.22
N PHE A 88 15.05 7.88 11.92
CA PHE A 88 14.55 7.74 13.28
C PHE A 88 15.27 8.63 14.29
N GLY A 89 16.42 9.20 13.93
CA GLY A 89 17.15 10.03 14.85
C GLY A 89 16.87 11.50 14.68
N SER A 90 16.76 11.95 13.45
CA SER A 90 16.50 13.37 13.21
C SER A 90 15.24 13.61 12.38
N GLY A 91 15.02 12.83 11.32
CA GLY A 91 14.03 13.16 10.32
C GLY A 91 12.63 13.38 10.84
N LEU A 92 11.99 12.33 11.36
CA LEU A 92 10.69 12.50 11.99
C LEU A 92 10.73 13.46 13.18
N PRO A 93 11.74 13.41 14.08
CA PRO A 93 11.82 14.42 15.14
C PRO A 93 11.82 15.85 14.62
N VAL A 94 12.73 16.18 13.70
CA VAL A 94 12.80 17.56 13.23
C VAL A 94 11.59 17.90 12.37
N PHE A 95 10.98 16.90 11.72
CA PHE A 95 9.76 17.16 10.97
C PHE A 95 8.64 17.61 11.90
N PHE A 96 8.39 16.84 12.96
CA PHE A 96 7.40 17.26 13.94
C PHE A 96 7.77 18.58 14.57
N LEU A 97 9.08 18.82 14.78
CA LEU A 97 9.51 20.10 15.34
C LEU A 97 9.09 21.26 14.45
N GLU A 98 9.41 21.20 13.17
CA GLU A 98 9.11 22.34 12.30
C GLU A 98 7.61 22.50 12.08
N ILE A 99 6.88 21.38 11.96
CA ILE A 99 5.42 21.47 11.89
C ILE A 99 4.86 22.14 13.15
N ILE A 100 5.35 21.71 14.31
CA ILE A 100 4.78 22.22 15.56
C ILE A 100 5.14 23.68 15.78
N ILE A 101 6.33 24.11 15.35
CA ILE A 101 6.66 25.52 15.52
C ILE A 101 5.86 26.38 14.54
N GLY A 102 5.67 25.90 13.32
CA GLY A 102 4.80 26.61 12.39
C GLY A 102 3.39 26.72 12.91
N GLN A 103 2.90 25.68 13.59
CA GLN A 103 1.57 25.72 14.16
C GLN A 103 1.51 26.64 15.37
N TYR A 104 2.53 26.62 16.22
CA TYR A 104 2.53 27.44 17.42
C TYR A 104 2.58 28.92 17.07
N THR A 105 3.44 29.31 16.13
CA THR A 105 3.52 30.71 15.74
C THR A 105 2.38 31.12 14.81
N SER A 106 1.86 30.19 14.02
CA SER A 106 0.83 30.47 13.02
C SER A 106 1.28 31.60 12.08
N GLU A 107 2.57 31.57 11.74
CA GLU A 107 3.17 32.60 10.89
C GLU A 107 4.08 31.92 9.87
N GLY A 108 4.87 32.73 9.18
CA GLY A 108 5.77 32.23 8.16
C GLY A 108 7.06 31.65 8.73
N GLY A 109 7.84 31.05 7.83
CA GLY A 109 9.08 30.44 8.25
C GLY A 109 10.11 31.44 8.73
N ILE A 110 10.25 32.56 8.01
CA ILE A 110 11.24 33.56 8.38
C ILE A 110 10.86 34.23 9.70
N THR A 111 9.57 34.58 9.86
CA THR A 111 9.14 35.30 11.05
C THR A 111 9.23 34.41 12.30
N CYS A 112 8.96 33.11 12.15
CA CYS A 112 8.96 32.23 13.31
C CYS A 112 10.34 32.13 13.94
N TRP A 113 11.39 32.07 13.12
CA TRP A 113 12.74 32.01 13.65
C TRP A 113 13.08 33.25 14.46
N GLU A 114 12.68 34.42 13.97
CA GLU A 114 12.88 35.65 14.73
C GLU A 114 12.08 35.65 16.01
N LYS A 115 10.84 35.16 15.97
CA LYS A 115 10.00 35.14 17.16
C LYS A 115 10.57 34.23 18.24
N ILE A 116 11.08 33.06 17.85
CA ILE A 116 11.69 32.16 18.82
C ILE A 116 12.90 32.81 19.47
N CYS A 117 13.75 33.44 18.66
CA CYS A 117 14.93 34.13 19.16
C CYS A 117 15.37 35.20 18.16
N PRO A 118 15.63 36.43 18.61
CA PRO A 118 16.14 37.44 17.67
C PRO A 118 17.44 37.03 17.02
N LEU A 119 18.31 36.36 17.74
CA LEU A 119 19.52 35.79 17.16
C LEU A 119 19.19 34.52 16.40
N PHE A 120 20.11 34.13 15.52
CA PHE A 120 19.98 32.91 14.71
C PHE A 120 18.71 32.94 13.86
N SER A 121 18.32 34.14 13.41
CA SER A 121 17.12 34.31 12.61
C SER A 121 17.35 34.13 11.12
N GLY A 122 18.58 33.84 10.71
CA GLY A 122 18.90 33.68 9.30
C GLY A 122 18.50 32.33 8.71
N ILE A 123 17.90 31.45 9.51
CA ILE A 123 17.45 30.17 8.97
C ILE A 123 16.39 30.38 7.91
N GLY A 124 15.53 31.38 8.08
CA GLY A 124 14.53 31.67 7.06
C GLY A 124 15.15 32.11 5.75
N TYR A 125 16.14 33.01 5.81
CA TYR A 125 16.82 33.45 4.60
C TYR A 125 17.54 32.29 3.93
N ALA A 126 18.19 31.44 4.73
CA ALA A 126 18.84 30.26 4.18
C ALA A 126 17.82 29.35 3.50
N SER A 127 16.65 29.19 4.12
CA SER A 127 15.60 28.37 3.54
C SER A 127 15.12 28.93 2.21
N VAL A 128 15.00 30.27 2.12
CA VAL A 128 14.62 30.90 0.86
C VAL A 128 15.67 30.63 -0.21
N VAL A 129 16.94 30.74 0.15
CA VAL A 129 18.01 30.44 -0.81
C VAL A 129 17.91 28.98 -1.25
N ILE A 130 17.66 28.07 -0.30
CA ILE A 130 17.59 26.65 -0.64
C ILE A 130 16.41 26.36 -1.56
N VAL A 131 15.25 26.97 -1.30
CA VAL A 131 14.09 26.67 -2.14
C VAL A 131 14.30 27.22 -3.55
N SER A 132 14.92 28.40 -3.67
CA SER A 132 15.18 28.94 -5.00
C SER A 132 16.15 28.04 -5.76
N LEU A 133 17.26 27.69 -5.12
CA LEU A 133 18.25 26.81 -5.75
C LEU A 133 17.70 25.41 -5.99
N LEU A 134 16.71 24.98 -5.22
CA LEU A 134 16.05 23.71 -5.49
C LEU A 134 15.15 23.81 -6.71
N ASN A 135 14.37 24.89 -6.79
CA ASN A 135 13.44 25.06 -7.90
C ASN A 135 14.19 25.11 -9.23
N VAL A 136 15.33 25.79 -9.25
CA VAL A 136 15.99 26.08 -10.52
C VAL A 136 16.39 24.79 -11.25
N TYR A 137 16.60 23.69 -10.54
CA TYR A 137 16.88 22.43 -11.23
C TYR A 137 15.78 21.39 -11.09
N TYR A 138 14.92 21.50 -10.09
CA TYR A 138 13.72 20.66 -10.08
C TYR A 138 12.87 20.94 -11.31
N ILE A 139 12.83 22.20 -11.75
CA ILE A 139 12.02 22.55 -12.92
C ILE A 139 12.60 21.92 -14.18
N VAL A 140 13.93 21.83 -14.28
CA VAL A 140 14.51 21.20 -15.46
C VAL A 140 14.42 19.68 -15.37
N ILE A 141 14.31 19.13 -14.16
CA ILE A 141 13.94 17.72 -14.04
C ILE A 141 12.58 17.48 -14.69
N LEU A 142 11.61 18.33 -14.36
CA LEU A 142 10.31 18.22 -15.01
C LEU A 142 10.40 18.50 -16.51
N ALA A 143 11.30 19.40 -16.92
CA ALA A 143 11.47 19.67 -18.35
C ALA A 143 11.97 18.44 -19.08
N TRP A 144 12.93 17.72 -18.48
CA TRP A 144 13.38 16.45 -19.06
C TRP A 144 12.24 15.46 -19.15
N ALA A 145 11.40 15.40 -18.10
CA ALA A 145 10.25 14.50 -18.13
C ALA A 145 9.30 14.85 -19.27
N THR A 146 9.03 16.15 -19.47
CA THR A 146 8.13 16.56 -20.55
C THR A 146 8.72 16.28 -21.92
N TYR A 147 10.02 16.52 -22.09
CA TYR A 147 10.66 16.24 -23.38
C TYR A 147 10.57 14.75 -23.68
N TYR A 148 10.81 13.92 -22.67
CA TYR A 148 10.61 12.47 -22.82
C TYR A 148 9.17 12.15 -23.19
N LEU A 149 8.21 12.81 -22.53
CA LEU A 149 6.80 12.55 -22.81
C LEU A 149 6.45 12.89 -24.26
N PHE A 150 6.96 14.02 -24.75
CA PHE A 150 6.70 14.38 -26.15
C PHE A 150 7.36 13.40 -27.11
N GLN A 151 8.57 12.93 -26.78
CA GLN A 151 9.21 11.92 -27.61
C GLN A 151 8.48 10.59 -27.57
N SER A 152 7.71 10.32 -26.52
CA SER A 152 6.98 9.07 -26.41
C SER A 152 5.66 9.08 -27.17
N PHE A 153 5.29 10.21 -27.78
CA PHE A 153 4.09 10.29 -28.62
C PHE A 153 4.39 9.72 -30.01
N GLN A 154 4.71 8.43 -30.03
CA GLN A 154 5.04 7.75 -31.28
C GLN A 154 4.68 6.27 -31.14
N LYS A 155 4.56 5.62 -32.29
CA LYS A 155 4.24 4.19 -32.30
C LYS A 155 5.33 3.36 -31.63
N GLU A 156 6.60 3.68 -31.91
CA GLU A 156 7.74 2.98 -31.33
C GLU A 156 8.54 3.96 -30.49
N LEU A 157 8.86 3.54 -29.27
CA LEU A 157 9.62 4.39 -28.37
C LEU A 157 11.03 4.59 -28.91
N PRO A 158 11.58 5.80 -28.85
CA PRO A 158 12.91 6.04 -29.42
C PRO A 158 14.02 5.22 -28.77
N TRP A 159 13.91 4.94 -27.47
CA TRP A 159 14.95 4.18 -26.78
C TRP A 159 14.71 2.68 -26.79
N ALA A 160 13.67 2.21 -27.49
CA ALA A 160 13.47 0.78 -27.64
C ALA A 160 14.62 0.14 -28.40
N HIS A 161 15.08 0.81 -29.46
CA HIS A 161 16.22 0.35 -30.25
C HIS A 161 17.07 1.56 -30.63
N CYS A 162 18.35 1.32 -30.88
CA CYS A 162 19.27 2.38 -31.29
C CYS A 162 19.70 2.09 -32.74
N ASN A 163 18.91 2.62 -33.68
CA ASN A 163 19.26 2.57 -35.09
C ASN A 163 19.05 3.92 -35.75
N HIS A 164 19.05 5.00 -34.97
CA HIS A 164 18.77 6.34 -35.44
C HIS A 164 20.06 7.09 -35.72
N SER A 165 19.94 8.34 -36.15
CA SER A 165 21.11 9.13 -36.53
C SER A 165 21.96 9.47 -35.32
N TRP A 166 21.33 9.85 -34.21
CA TRP A 166 22.10 10.33 -33.05
C TRP A 166 22.89 9.23 -32.37
N ASN A 167 22.38 8.00 -32.37
CA ASN A 167 23.00 6.91 -31.62
C ASN A 167 24.40 6.60 -32.17
N THR A 168 25.33 6.38 -31.27
CA THR A 168 26.69 6.02 -31.66
C THR A 168 26.68 4.66 -32.37
N PRO A 169 27.49 4.50 -33.43
CA PRO A 169 27.57 3.18 -34.08
C PRO A 169 28.01 2.07 -33.14
N HIS A 170 28.73 2.39 -32.07
CA HIS A 170 29.09 1.40 -31.07
C HIS A 170 27.92 1.00 -30.16
N CYS A 171 26.76 1.64 -30.30
CA CYS A 171 25.59 1.19 -29.57
C CYS A 171 25.16 -0.18 -30.07
N MET A 172 24.52 -0.94 -29.18
CA MET A 172 24.14 -2.31 -29.50
C MET A 172 22.89 -2.67 -28.71
N GLU A 173 22.05 -3.50 -29.32
CA GLU A 173 20.75 -3.79 -28.78
C GLU A 173 20.87 -4.54 -27.45
N ASP A 174 19.85 -4.34 -26.61
CA ASP A 174 19.90 -4.82 -25.23
C ASP A 174 19.87 -6.35 -25.18
N THR A 175 19.01 -6.99 -25.97
CA THR A 175 18.70 -8.40 -25.76
C THR A 175 19.78 -9.34 -26.25
N MET A 176 20.53 -8.98 -27.30
CA MET A 176 21.32 -9.94 -28.04
C MET A 176 22.76 -10.07 -27.54
N ARG A 177 23.14 -9.40 -26.44
CA ARG A 177 24.53 -9.47 -26.01
C ARG A 177 24.91 -10.91 -25.63
N LYS A 178 23.97 -11.66 -25.06
CA LYS A 178 24.21 -13.01 -24.60
C LYS A 178 23.79 -14.08 -25.60
N ASN A 179 22.85 -13.76 -26.50
CA ASN A 179 22.51 -14.70 -27.56
C ASN A 179 23.69 -14.93 -28.49
N LYS A 180 24.62 -13.98 -28.54
CA LYS A 180 25.83 -14.07 -29.34
C LYS A 180 27.04 -13.92 -28.42
N SER A 188 36.69 -3.30 -28.97
CA SER A 188 35.73 -2.37 -28.38
C SER A 188 34.78 -3.12 -27.43
N THR A 189 35.37 -3.69 -26.38
CA THR A 189 34.61 -4.50 -25.44
C THR A 189 33.50 -3.70 -24.76
N ASN A 190 33.70 -2.39 -24.60
CA ASN A 190 32.72 -1.54 -23.93
C ASN A 190 31.49 -1.40 -24.82
N PHE A 191 30.41 -2.08 -24.44
CA PHE A 191 29.13 -1.99 -25.13
C PHE A 191 28.12 -1.27 -24.25
N THR A 192 27.48 -0.25 -24.80
CA THR A 192 26.51 0.55 -24.08
C THR A 192 25.09 0.09 -24.42
N SER A 193 24.11 0.72 -23.77
CA SER A 193 22.72 0.40 -23.95
C SER A 193 21.99 1.53 -24.70
N PRO A 194 20.99 1.21 -25.51
CA PRO A 194 20.25 2.27 -26.21
C PRO A 194 19.60 3.28 -25.29
N VAL A 195 19.04 2.81 -24.17
CA VAL A 195 18.33 3.74 -23.25
C VAL A 195 19.35 4.71 -22.64
N ILE A 196 20.53 4.19 -22.28
CA ILE A 196 21.61 5.05 -21.71
C ILE A 196 21.97 6.12 -22.74
N GLU A 197 22.22 5.69 -23.98
CA GLU A 197 22.62 6.66 -25.04
C GLU A 197 21.52 7.71 -25.21
N PHE A 198 20.25 7.28 -25.27
CA PHE A 198 19.14 8.24 -25.51
C PHE A 198 19.24 9.38 -24.49
N TRP A 199 19.37 9.05 -23.20
CA TRP A 199 19.45 10.08 -22.14
C TRP A 199 20.69 10.95 -22.33
N GLU A 200 21.83 10.34 -22.66
CA GLU A 200 23.10 11.11 -22.75
C GLU A 200 23.11 12.02 -23.98
N ARG A 201 22.69 11.53 -25.16
CA ARG A 201 22.83 12.34 -26.40
C ARG A 201 21.50 12.98 -26.82
N ASN A 202 20.52 12.18 -27.25
CA ASN A 202 19.26 12.76 -27.78
C ASN A 202 18.64 13.72 -26.75
N VAL A 203 18.81 13.44 -25.46
CA VAL A 203 18.16 14.28 -24.42
C VAL A 203 19.13 15.37 -23.95
N LEU A 204 20.37 15.01 -23.60
CA LEU A 204 21.29 16.01 -23.07
C LEU A 204 22.40 16.40 -24.03
N SER A 205 22.86 15.48 -24.88
CA SER A 205 24.03 15.72 -25.73
C SER A 205 25.22 16.18 -24.89
N LEU A 206 25.52 15.38 -23.86
CA LEU A 206 26.49 15.77 -22.85
C LEU A 206 27.85 16.08 -23.46
N SER A 207 28.41 17.23 -23.08
CA SER A 207 29.72 17.64 -23.53
C SER A 207 30.80 16.83 -22.82
N PRO A 208 31.99 16.72 -23.43
CA PRO A 208 33.08 15.99 -22.76
C PRO A 208 33.47 16.58 -21.41
N GLY A 209 33.33 17.89 -21.22
CA GLY A 209 33.71 18.51 -19.97
C GLY A 209 32.86 19.72 -19.67
N ILE A 210 32.91 20.14 -18.40
CA ILE A 210 32.16 21.32 -17.99
C ILE A 210 32.72 22.58 -18.63
N ASP A 211 34.03 22.61 -18.89
CA ASP A 211 34.65 23.77 -19.50
C ASP A 211 34.23 24.00 -20.94
N HIS A 212 33.54 23.03 -21.55
CA HIS A 212 32.99 23.16 -22.90
C HIS A 212 31.47 23.18 -22.78
N PRO A 213 30.84 24.36 -22.74
CA PRO A 213 29.38 24.41 -22.65
C PRO A 213 28.70 23.88 -23.90
N GLY A 214 29.10 24.39 -25.05
CA GLY A 214 28.50 23.99 -26.31
C GLY A 214 27.22 24.74 -26.62
N SER A 215 26.64 24.41 -27.76
CA SER A 215 25.41 25.06 -28.20
C SER A 215 24.22 24.66 -27.34
N LEU A 216 23.27 25.57 -27.21
CA LEU A 216 22.07 25.31 -26.41
C LEU A 216 21.11 24.42 -27.19
N LYS A 217 20.47 23.49 -26.47
CA LYS A 217 19.51 22.57 -27.07
C LYS A 217 18.13 23.20 -27.01
N TRP A 218 17.62 23.66 -28.15
CA TRP A 218 16.35 24.39 -28.16
C TRP A 218 15.18 23.49 -27.79
N ASP A 219 15.30 22.18 -28.00
CA ASP A 219 14.21 21.27 -27.66
C ASP A 219 13.91 21.27 -26.17
N LEU A 220 14.96 21.29 -25.34
CA LEU A 220 14.76 21.34 -23.90
C LEU A 220 14.22 22.70 -23.46
N ALA A 221 14.66 23.78 -24.13
CA ALA A 221 14.26 25.11 -23.72
C ALA A 221 12.76 25.31 -23.83
N LEU A 222 12.17 24.86 -24.94
CA LEU A 222 10.72 24.98 -25.10
C LEU A 222 9.98 24.10 -24.10
N CYS A 223 10.51 22.89 -23.83
CA CYS A 223 9.92 22.05 -22.80
C CYS A 223 10.04 22.70 -21.43
N LEU A 224 11.20 23.28 -21.13
CA LEU A 224 11.35 24.04 -19.90
C LEU A 224 10.46 25.28 -19.90
N LEU A 225 10.21 25.86 -21.08
CA LEU A 225 9.29 26.97 -21.17
C LEU A 225 7.87 26.54 -20.80
N LEU A 226 7.46 25.35 -21.23
CA LEU A 226 6.11 24.88 -20.96
C LEU A 226 5.87 24.70 -19.48
N VAL A 227 6.80 24.06 -18.78
CA VAL A 227 6.60 23.76 -17.36
C VAL A 227 6.58 25.04 -16.52
N TRP A 228 7.42 26.01 -16.88
CA TRP A 228 7.40 27.28 -16.15
C TRP A 228 6.09 28.00 -16.34
N LEU A 229 5.55 28.01 -17.57
CA LEU A 229 4.26 28.63 -17.81
C LEU A 229 3.15 27.89 -17.06
N VAL A 230 3.21 26.55 -17.06
CA VAL A 230 2.21 25.77 -16.35
C VAL A 230 2.21 26.12 -14.86
N CYS A 231 3.40 26.23 -14.28
CA CYS A 231 3.49 26.70 -12.89
C CYS A 231 3.08 28.16 -12.77
N PHE A 232 3.30 28.95 -13.82
CA PHE A 232 2.98 30.38 -13.76
C PHE A 232 1.48 30.62 -13.69
N PHE A 233 0.71 29.99 -14.59
CA PHE A 233 -0.72 30.28 -14.67
C PHE A 233 -1.46 29.80 -13.43
N CYS A 234 -1.11 28.61 -12.92
CA CYS A 234 -1.84 28.07 -11.77
C CYS A 234 -1.66 28.95 -10.54
N ILE A 235 -0.44 29.41 -10.28
CA ILE A 235 -0.20 30.27 -9.12
C ILE A 235 -0.87 31.62 -9.33
N TRP A 236 -0.77 32.18 -10.53
CA TRP A 236 -1.39 33.47 -10.80
C TRP A 236 -2.91 33.39 -10.68
N LYS A 237 -3.51 32.31 -11.16
CA LYS A 237 -4.95 32.15 -11.10
C LYS A 237 -5.43 31.62 -9.75
N GLY A 238 -4.51 31.37 -8.81
CA GLY A 238 -4.88 30.80 -7.53
C GLY A 238 -5.41 29.39 -7.61
N VAL A 239 -4.87 28.59 -8.53
CA VAL A 239 -5.30 27.20 -8.69
C VAL A 239 -4.69 26.36 -7.60
N ARG A 240 -5.48 25.46 -7.02
CA ARG A 240 -4.98 24.58 -5.98
C ARG A 240 -3.93 23.62 -6.56
N SER A 241 -3.11 23.07 -5.66
CA SER A 241 -2.03 22.18 -6.08
C SER A 241 -2.57 20.95 -6.79
N THR A 242 -3.63 20.35 -6.26
CA THR A 242 -4.26 19.19 -6.85
C THR A 242 -5.44 19.63 -7.71
N GLY A 243 -5.37 19.33 -9.00
CA GLY A 243 -6.44 19.73 -9.91
C GLY A 243 -7.67 18.84 -9.76
N LYS A 244 -8.83 19.48 -9.78
CA LYS A 244 -10.12 18.80 -9.64
C LYS A 244 -10.14 17.92 -8.39
N VAL A 245 -10.43 16.64 -8.56
CA VAL A 245 -10.45 15.71 -7.44
C VAL A 245 -9.01 15.38 -7.03
N VAL A 246 -8.76 15.39 -5.72
CA VAL A 246 -7.43 15.07 -5.22
C VAL A 246 -7.11 13.59 -5.47
N TYR A 247 -8.15 12.75 -5.55
CA TYR A 247 -7.93 11.32 -5.67
C TYR A 247 -7.17 10.97 -6.95
N PHE A 248 -7.52 11.60 -8.07
CA PHE A 248 -6.80 11.34 -9.32
C PHE A 248 -5.33 11.74 -9.19
N THR A 249 -5.06 12.87 -8.54
CA THR A 249 -3.68 13.27 -8.29
C THR A 249 -2.99 12.42 -7.24
N ALA A 250 -3.75 11.56 -6.55
CA ALA A 250 -3.21 10.74 -5.47
C ALA A 250 -3.17 9.25 -5.80
N THR A 251 -4.28 8.69 -6.28
CA THR A 251 -4.30 7.25 -6.55
C THR A 251 -3.55 6.87 -7.82
N PHE A 252 -3.45 7.80 -8.77
CA PHE A 252 -2.69 7.51 -9.99
C PHE A 252 -1.21 7.27 -9.70
N PRO A 253 -0.52 8.06 -8.88
CA PRO A 253 0.86 7.71 -8.54
C PRO A 253 1.00 6.38 -7.81
N PHE A 254 0.20 6.17 -6.77
CA PHE A 254 0.34 4.96 -5.96
C PHE A 254 0.05 3.69 -6.76
N ALA A 255 -0.93 3.75 -7.66
CA ALA A 255 -1.28 2.56 -8.44
C ALA A 255 -0.14 2.13 -9.33
N MET A 256 0.49 3.08 -10.02
CA MET A 256 1.47 2.71 -11.03
C MET A 256 2.80 2.30 -10.43
N LEU A 257 3.20 2.91 -9.31
CA LEU A 257 4.42 2.46 -8.65
C LEU A 257 4.26 1.01 -8.22
N LEU A 258 3.06 0.61 -7.83
CA LEU A 258 2.75 -0.81 -7.66
C LEU A 258 2.83 -1.55 -8.99
N VAL A 259 2.31 -0.94 -10.06
CA VAL A 259 2.38 -1.56 -11.38
C VAL A 259 3.82 -1.77 -11.80
N LEU A 260 4.66 -0.75 -11.62
CA LEU A 260 6.09 -0.91 -11.86
C LEU A 260 6.69 -1.94 -10.92
N LEU A 261 6.26 -1.93 -9.66
CA LEU A 261 6.76 -2.89 -8.69
C LEU A 261 6.39 -4.32 -9.08
N VAL A 262 5.17 -4.51 -9.61
CA VAL A 262 4.68 -5.86 -9.89
C VAL A 262 5.56 -6.53 -10.94
N ARG A 263 5.76 -5.85 -12.08
CA ARG A 263 6.60 -6.45 -13.12
C ARG A 263 8.07 -6.32 -12.74
N GLY A 264 8.45 -5.22 -12.08
CA GLY A 264 9.84 -5.05 -11.68
C GLY A 264 10.32 -6.20 -10.82
N LEU A 265 9.51 -6.60 -9.83
CA LEU A 265 9.84 -7.78 -9.05
C LEU A 265 9.70 -9.05 -9.89
N THR A 266 8.78 -9.05 -10.86
CA THR A 266 8.60 -10.21 -11.73
C THR A 266 9.80 -10.44 -12.63
N LEU A 267 10.61 -9.42 -12.87
CA LEU A 267 11.76 -9.55 -13.76
C LEU A 267 12.71 -10.61 -13.22
N PRO A 268 13.32 -11.43 -14.08
CA PRO A 268 14.16 -12.53 -13.59
C PRO A 268 15.35 -12.07 -12.77
N GLY A 269 15.83 -10.85 -12.97
CA GLY A 269 16.97 -10.34 -12.25
C GLY A 269 16.66 -9.65 -10.94
N ALA A 270 15.40 -9.74 -10.48
CA ALA A 270 15.02 -9.05 -9.24
C ALA A 270 15.79 -9.60 -8.04
N GLY A 271 16.17 -10.88 -8.07
CA GLY A 271 16.89 -11.45 -6.95
C GLY A 271 18.21 -10.78 -6.67
N ALA A 272 18.98 -10.51 -7.73
CA ALA A 272 20.24 -9.79 -7.56
C ALA A 272 20.01 -8.37 -7.08
N GLY A 273 18.99 -7.70 -7.60
CA GLY A 273 18.74 -6.31 -7.23
C GLY A 273 18.34 -6.15 -5.78
N ILE A 274 17.42 -7.00 -5.30
CA ILE A 274 16.97 -6.91 -3.91
C ILE A 274 18.10 -7.20 -2.96
N LYS A 275 18.91 -8.22 -3.26
CA LYS A 275 20.07 -8.54 -2.43
C LYS A 275 21.04 -7.37 -2.39
N PHE A 276 21.29 -6.75 -3.54
CA PHE A 276 22.14 -5.56 -3.57
C PHE A 276 21.44 -4.38 -2.90
N TYR A 277 20.11 -4.31 -2.99
CA TYR A 277 19.36 -3.23 -2.35
C TYR A 277 19.41 -3.35 -0.82
N LEU A 278 19.34 -4.56 -0.30
CA LEU A 278 19.16 -4.78 1.13
C LEU A 278 20.47 -5.08 1.86
N TYR A 279 21.29 -5.99 1.35
CA TYR A 279 22.50 -6.41 2.04
C TYR A 279 23.53 -5.28 2.06
N PRO A 280 24.05 -4.89 3.22
CA PRO A 280 24.96 -3.74 3.30
C PRO A 280 26.43 -4.14 3.18
N ASP A 281 27.27 -3.12 3.14
CA ASP A 281 28.72 -3.27 3.21
C ASP A 281 29.24 -2.36 4.32
N ILE A 282 29.96 -2.95 5.28
CA ILE A 282 30.52 -2.16 6.37
C ILE A 282 31.63 -1.24 5.87
N THR A 283 32.36 -1.68 4.83
CA THR A 283 33.46 -0.88 4.31
C THR A 283 32.99 0.48 3.80
N ARG A 284 31.85 0.50 3.10
CA ARG A 284 31.30 1.76 2.62
C ARG A 284 30.90 2.68 3.76
N LEU A 285 30.54 2.11 4.91
CA LEU A 285 30.12 2.93 6.05
C LEU A 285 31.27 3.79 6.57
N GLU A 286 32.51 3.34 6.44
CA GLU A 286 33.64 4.12 6.89
C GLU A 286 33.78 5.41 6.09
N ASP A 287 33.58 5.33 4.78
CA ASP A 287 33.74 6.50 3.92
C ASP A 287 32.54 7.42 4.13
N PRO A 288 32.75 8.67 4.56
CA PRO A 288 31.62 9.46 5.10
C PRO A 288 30.55 9.86 4.10
N GLN A 289 30.81 9.80 2.78
CA GLN A 289 29.84 10.37 1.84
C GLN A 289 28.53 9.60 1.86
N VAL A 290 28.55 8.33 2.26
CA VAL A 290 27.30 7.59 2.40
C VAL A 290 26.46 8.16 3.52
N TRP A 291 27.09 8.65 4.58
CA TRP A 291 26.36 9.21 5.70
C TRP A 291 25.68 10.51 5.31
N ILE A 292 26.41 11.42 4.69
CA ILE A 292 25.84 12.71 4.33
C ILE A 292 24.74 12.56 3.29
N ASP A 293 24.93 11.65 2.33
CA ASP A 293 23.90 11.41 1.33
C ASP A 293 22.64 10.83 1.95
N ALA A 294 22.80 9.89 2.89
CA ALA A 294 21.64 9.31 3.55
C ALA A 294 20.89 10.36 4.36
N GLY A 295 21.62 11.20 5.09
CA GLY A 295 20.96 12.26 5.84
C GLY A 295 20.27 13.26 4.93
N THR A 296 20.97 13.72 3.89
CA THR A 296 20.39 14.71 3.00
C THR A 296 19.17 14.19 2.26
N GLN A 297 19.14 12.88 1.97
CA GLN A 297 17.93 12.30 1.39
C GLN A 297 16.74 12.48 2.33
N ILE A 298 16.98 12.38 3.64
CA ILE A 298 15.93 12.67 4.62
C ILE A 298 15.51 14.13 4.53
N PHE A 299 16.49 15.03 4.48
CA PHE A 299 16.14 16.45 4.37
C PHE A 299 15.64 16.83 2.98
N PHE A 300 15.74 15.92 2.01
CA PHE A 300 15.28 16.20 0.66
C PHE A 300 13.88 15.66 0.41
N SER A 301 13.66 14.37 0.67
CA SER A 301 12.38 13.76 0.36
C SER A 301 11.25 14.39 1.18
N TYR A 302 11.52 14.69 2.45
CA TYR A 302 10.52 15.34 3.28
C TYR A 302 10.50 16.85 3.11
N ALA A 303 11.37 17.39 2.24
CA ALA A 303 11.37 18.82 1.92
C ALA A 303 11.48 19.68 3.18
N ILE A 304 12.36 19.30 4.08
CA ILE A 304 12.48 19.97 5.37
C ILE A 304 13.71 20.87 5.35
N CYS A 305 13.70 21.88 6.22
CA CYS A 305 14.66 22.99 6.23
C CYS A 305 14.53 23.85 4.98
N LEU A 306 13.32 23.88 4.40
CA LEU A 306 13.00 24.76 3.29
C LEU A 306 12.07 25.90 3.64
N GLY A 307 11.30 25.79 4.72
CA GLY A 307 10.35 26.81 5.10
C GLY A 307 8.98 26.66 4.49
N ALA A 308 8.84 25.81 3.45
CA ALA A 308 7.52 25.57 2.88
C ALA A 308 6.63 24.82 3.87
N MET A 309 7.20 23.86 4.60
CA MET A 309 6.41 23.10 5.57
C MET A 309 6.04 23.96 6.77
N THR A 310 6.80 25.04 7.01
CA THR A 310 6.43 25.96 8.08
C THR A 310 5.08 26.62 7.79
N SER A 311 4.82 26.97 6.53
CA SER A 311 3.51 27.48 6.16
C SER A 311 2.42 26.44 6.40
N LEU A 312 2.77 25.16 6.30
CA LEU A 312 1.80 24.11 6.62
C LEU A 312 1.38 24.16 8.09
N GLY A 313 2.34 24.41 8.98
CA GLY A 313 2.01 24.52 10.39
C GLY A 313 1.07 25.67 10.67
N SER A 314 1.33 26.83 10.07
CA SER A 314 0.43 27.97 10.23
C SER A 314 -0.96 27.67 9.69
N TYR A 315 -1.04 26.82 8.66
CA TYR A 315 -2.35 26.44 8.12
C TYR A 315 -3.12 25.57 9.10
N ASN A 316 -2.43 24.69 9.81
CA ASN A 316 -3.10 23.84 10.79
C ASN A 316 -3.63 24.67 11.94
N LYS A 317 -4.75 24.21 12.52
CA LYS A 317 -5.38 24.91 13.62
C LYS A 317 -4.44 24.94 14.84
N TYR A 318 -4.48 26.05 15.58
CA TYR A 318 -3.64 26.19 16.76
C TYR A 318 -3.92 25.09 17.77
N LYS A 319 -5.19 24.75 17.96
CA LYS A 319 -5.60 23.63 18.83
C LYS A 319 -5.93 22.45 17.91
N TYR A 320 -4.91 21.71 17.51
CA TYR A 320 -5.10 20.60 16.59
C TYR A 320 -3.95 19.62 16.75
N ASN A 321 -4.29 18.33 16.76
CA ASN A 321 -3.30 17.26 16.97
C ASN A 321 -2.60 16.98 15.63
N SER A 322 -1.47 17.65 15.41
CA SER A 322 -0.67 17.43 14.22
C SER A 322 0.39 16.34 14.40
N TYR A 323 0.57 15.83 15.62
CA TYR A 323 1.62 14.85 15.87
C TYR A 323 1.38 13.57 15.08
N ARG A 324 0.14 13.08 15.06
CA ARG A 324 -0.16 11.87 14.31
C ARG A 324 0.02 12.09 12.81
N ASP A 325 -0.39 13.25 12.31
CA ASP A 325 -0.25 13.54 10.88
C ASP A 325 1.21 13.54 10.46
N CYS A 326 2.11 13.94 11.35
CA CYS A 326 3.53 13.96 11.01
C CYS A 326 4.08 12.56 10.81
N MET A 327 3.84 11.65 11.75
CA MET A 327 4.45 10.33 11.66
C MET A 327 3.72 9.41 10.70
N LEU A 328 2.40 9.54 10.57
CA LEU A 328 1.67 8.75 9.58
C LEU A 328 2.12 9.09 8.16
N LEU A 329 2.26 10.38 7.88
CA LEU A 329 2.74 10.78 6.56
C LEU A 329 4.25 10.56 6.42
N GLY A 330 5.00 10.77 7.50
CA GLY A 330 6.44 10.60 7.43
C GLY A 330 6.84 9.16 7.17
N CYS A 331 6.20 8.21 7.87
CA CYS A 331 6.51 6.80 7.66
C CYS A 331 6.11 6.36 6.26
N LEU A 332 4.96 6.84 5.77
CA LEU A 332 4.55 6.50 4.41
C LEU A 332 5.53 7.05 3.38
N ASN A 333 6.00 8.28 3.58
CA ASN A 333 6.95 8.88 2.65
C ASN A 333 8.21 8.02 2.54
N SER A 334 8.72 7.56 3.69
CA SER A 334 9.82 6.60 3.66
C SER A 334 9.37 5.26 3.08
N GLY A 335 8.13 4.85 3.37
CA GLY A 335 7.65 3.59 2.85
C GLY A 335 7.55 3.58 1.34
N THR A 336 6.98 4.64 0.76
CA THR A 336 6.90 4.74 -0.69
C THR A 336 8.29 4.82 -1.31
N SER A 337 9.20 5.58 -0.68
CA SER A 337 10.57 5.62 -1.16
C SER A 337 11.21 4.24 -1.10
N PHE A 338 11.04 3.54 0.02
CA PHE A 338 11.58 2.20 0.15
C PHE A 338 10.94 1.24 -0.83
N VAL A 339 9.61 1.31 -0.98
CA VAL A 339 8.92 0.45 -1.93
C VAL A 339 9.38 0.73 -3.34
N SER A 340 9.51 2.01 -3.70
CA SER A 340 10.02 2.36 -5.02
C SER A 340 11.44 1.85 -5.21
N GLY A 341 12.21 1.71 -4.12
CA GLY A 341 13.54 1.16 -4.23
C GLY A 341 13.54 -0.28 -4.70
N PHE A 342 12.56 -1.07 -4.26
CA PHE A 342 12.47 -2.46 -4.70
C PHE A 342 12.26 -2.54 -6.20
N ALA A 343 11.37 -1.71 -6.74
CA ALA A 343 11.05 -1.79 -8.16
C ALA A 343 12.25 -1.42 -9.03
N ILE A 344 12.87 -0.27 -8.74
CA ILE A 344 13.95 0.22 -9.58
C ILE A 344 15.18 -0.68 -9.48
N PHE A 345 15.53 -1.11 -8.26
CA PHE A 345 16.72 -1.93 -8.10
C PHE A 345 16.52 -3.32 -8.68
N SER A 346 15.30 -3.85 -8.65
CA SER A 346 15.00 -5.07 -9.38
C SER A 346 15.19 -4.87 -10.88
N ILE A 347 14.75 -3.72 -11.40
CA ILE A 347 15.03 -3.37 -12.78
C ILE A 347 16.53 -3.27 -13.00
N LEU A 348 17.23 -2.62 -12.08
CA LEU A 348 18.69 -2.57 -12.15
C LEU A 348 19.27 -3.99 -12.06
N GLY A 349 18.73 -4.82 -11.17
CA GLY A 349 19.14 -6.20 -11.13
C GLY A 349 18.77 -6.97 -12.38
N PHE A 350 17.63 -6.64 -12.98
CA PHE A 350 17.21 -7.30 -14.22
C PHE A 350 18.18 -7.00 -15.34
N MET A 351 18.56 -5.74 -15.49
CA MET A 351 19.56 -5.40 -16.50
C MET A 351 20.96 -5.83 -16.08
N ALA A 352 21.19 -6.08 -14.79
CA ALA A 352 22.52 -6.45 -14.32
C ALA A 352 22.91 -7.84 -14.81
N GLN A 353 22.04 -8.82 -14.62
CA GLN A 353 22.38 -10.17 -15.06
C GLN A 353 22.42 -10.30 -16.57
N GLU A 354 21.71 -9.41 -17.28
CA GLU A 354 21.43 -9.60 -18.68
C GLU A 354 22.32 -8.77 -19.59
N GLN A 355 23.09 -7.82 -19.06
CA GLN A 355 24.22 -7.28 -19.79
C GLN A 355 25.55 -7.94 -19.41
N GLY A 356 25.56 -8.75 -18.36
CA GLY A 356 26.81 -9.33 -17.90
C GLY A 356 27.70 -8.36 -17.17
N VAL A 357 27.18 -7.22 -16.77
CA VAL A 357 27.95 -6.18 -16.08
C VAL A 357 27.50 -6.13 -14.63
N ASP A 358 28.44 -5.87 -13.73
CA ASP A 358 28.14 -5.81 -12.30
C ASP A 358 27.07 -4.76 -12.00
N ILE A 359 26.36 -4.93 -10.89
CA ILE A 359 25.28 -4.02 -10.52
C ILE A 359 25.80 -2.61 -10.28
N ALA A 360 27.06 -2.49 -9.85
CA ALA A 360 27.62 -1.17 -9.57
C ALA A 360 27.73 -0.32 -10.83
N ASP A 361 28.14 -0.92 -11.95
CA ASP A 361 28.35 -0.17 -13.19
C ASP A 361 27.35 -0.53 -14.28
N VAL A 362 26.32 -1.31 -13.97
CA VAL A 362 25.31 -1.63 -14.98
C VAL A 362 24.51 -0.39 -15.37
N ALA A 363 24.31 0.53 -14.42
CA ALA A 363 23.61 1.77 -14.67
C ALA A 363 24.60 2.92 -14.76
N GLU A 364 24.09 4.08 -15.14
CA GLU A 364 24.89 5.29 -15.25
C GLU A 364 24.78 6.06 -13.93
N SER A 365 25.93 6.28 -13.28
CA SER A 365 25.94 6.90 -11.95
C SER A 365 25.80 8.42 -12.05
N GLY A 366 24.77 8.88 -12.75
CA GLY A 366 24.46 10.29 -12.83
C GLY A 366 22.99 10.53 -12.59
N PRO A 367 22.65 11.73 -12.09
CA PRO A 367 21.24 12.06 -11.90
C PRO A 367 20.45 11.89 -13.19
N GLY A 368 19.26 11.33 -13.07
CA GLY A 368 18.50 10.84 -14.21
C GLY A 368 18.36 9.34 -14.26
N LEU A 369 18.66 8.63 -13.16
CA LEU A 369 18.52 7.18 -13.15
C LEU A 369 17.06 6.77 -13.35
N ALA A 370 16.13 7.51 -12.75
CA ALA A 370 14.72 7.24 -12.97
C ALA A 370 14.29 7.48 -14.41
N PHE A 371 15.12 8.18 -15.19
CA PHE A 371 14.87 8.38 -16.61
C PHE A 371 15.46 7.25 -17.46
N ILE A 372 16.02 6.22 -16.83
CA ILE A 372 16.63 5.09 -17.52
C ILE A 372 15.99 3.77 -17.13
N ALA A 373 15.83 3.54 -15.82
CA ALA A 373 15.34 2.23 -15.36
C ALA A 373 13.87 2.04 -15.70
N TYR A 374 12.99 2.91 -15.19
CA TYR A 374 11.57 2.78 -15.50
C TYR A 374 11.28 2.88 -17.00
N PRO A 375 11.85 3.81 -17.77
CA PRO A 375 11.62 3.77 -19.23
C PRO A 375 12.05 2.45 -19.86
N LYS A 376 13.06 1.78 -19.30
CA LYS A 376 13.36 0.42 -19.74
C LYS A 376 12.23 -0.54 -19.40
N ALA A 377 11.67 -0.42 -18.20
CA ALA A 377 10.64 -1.36 -17.76
C ALA A 377 9.41 -1.27 -18.63
N VAL A 378 8.99 -0.05 -18.99
CA VAL A 378 7.77 0.11 -19.78
C VAL A 378 7.95 -0.47 -21.18
N THR A 379 9.16 -0.40 -21.74
CA THR A 379 9.41 -1.06 -23.02
C THR A 379 9.30 -2.57 -22.88
N MET A 380 9.83 -3.14 -21.79
CA MET A 380 9.66 -4.57 -21.55
C MET A 380 8.23 -4.90 -21.18
N MET A 381 7.50 -3.97 -20.58
CA MET A 381 6.11 -4.20 -20.21
C MET A 381 5.23 -4.14 -21.47
N PRO A 382 4.31 -5.09 -21.62
CA PRO A 382 3.53 -5.17 -22.86
C PRO A 382 2.71 -3.90 -23.10
N LEU A 383 2.53 -3.58 -24.39
CA LEU A 383 1.93 -2.34 -24.86
C LEU A 383 2.74 -1.18 -24.29
N PRO A 384 3.99 -1.02 -24.73
CA PRO A 384 4.86 -0.02 -24.10
C PRO A 384 4.37 1.41 -24.26
N THR A 385 3.75 1.74 -25.39
CA THR A 385 3.36 3.13 -25.64
C THR A 385 2.36 3.62 -24.60
N PHE A 386 1.35 2.80 -24.29
CA PHE A 386 0.34 3.20 -23.31
C PHE A 386 0.96 3.40 -21.92
N TRP A 387 1.84 2.48 -21.51
CA TRP A 387 2.43 2.60 -20.18
C TRP A 387 3.50 3.68 -20.14
N SER A 388 4.21 3.90 -21.24
CA SER A 388 5.24 4.93 -21.25
C SER A 388 4.64 6.31 -21.02
N ILE A 389 3.51 6.61 -21.66
CA ILE A 389 2.87 7.91 -21.49
C ILE A 389 2.45 8.10 -20.04
N LEU A 390 1.77 7.11 -19.46
CA LEU A 390 1.19 7.27 -18.14
C LEU A 390 2.26 7.50 -17.08
N PHE A 391 3.35 6.74 -17.13
CA PHE A 391 4.44 6.98 -16.20
C PHE A 391 5.08 8.34 -16.44
N PHE A 392 5.11 8.78 -17.69
CA PHE A 392 5.67 10.08 -18.00
C PHE A 392 4.72 11.21 -17.61
N ILE A 393 3.42 10.92 -17.56
CA ILE A 393 2.46 11.90 -17.06
C ILE A 393 2.64 12.12 -15.56
N MET A 394 2.74 11.02 -14.80
CA MET A 394 2.73 11.16 -13.35
C MET A 394 4.01 11.81 -12.84
N LEU A 395 5.13 11.63 -13.55
CA LEU A 395 6.35 12.33 -13.17
C LEU A 395 6.11 13.83 -13.10
N LEU A 396 5.31 14.37 -14.02
CA LEU A 396 4.85 15.74 -13.88
C LEU A 396 3.87 15.87 -12.73
N LEU A 397 2.95 14.91 -12.60
CA LEU A 397 1.96 14.97 -11.54
C LEU A 397 2.60 14.86 -10.16
N LEU A 398 3.71 14.14 -10.05
CA LEU A 398 4.47 14.11 -8.80
C LEU A 398 5.33 15.36 -8.62
N GLY A 399 5.67 16.05 -9.70
CA GLY A 399 6.59 17.16 -9.62
C GLY A 399 5.94 18.53 -9.62
N LEU A 400 4.91 18.70 -10.46
CA LEU A 400 4.25 20.00 -10.56
C LEU A 400 3.62 20.40 -9.23
N ASP A 401 2.89 19.48 -8.59
CA ASP A 401 2.29 19.77 -7.30
C ASP A 401 3.38 20.09 -6.28
N SER A 402 4.48 19.36 -6.31
CA SER A 402 5.64 19.73 -5.51
C SER A 402 6.13 21.11 -5.87
N GLN A 403 6.26 21.38 -7.17
CA GLN A 403 6.69 22.70 -7.63
C GLN A 403 5.69 23.77 -7.23
N PHE A 404 4.40 23.48 -7.39
CA PHE A 404 3.38 24.48 -7.11
C PHE A 404 3.44 24.94 -5.65
N VAL A 405 3.59 24.01 -4.72
CA VAL A 405 3.60 24.36 -3.31
C VAL A 405 4.90 25.07 -2.95
N GLU A 406 6.03 24.55 -3.43
CA GLU A 406 7.31 25.07 -2.98
C GLU A 406 7.63 26.43 -3.60
N VAL A 407 7.30 26.62 -4.88
CA VAL A 407 7.62 27.90 -5.53
C VAL A 407 6.82 29.03 -4.89
N GLU A 408 5.53 28.83 -4.64
CA GLU A 408 4.79 29.84 -3.90
C GLU A 408 5.26 29.95 -2.46
N GLY A 409 6.04 28.97 -1.98
CA GLY A 409 6.51 29.04 -0.61
C GLY A 409 7.36 30.27 -0.35
N GLN A 410 8.32 30.53 -1.23
CA GLN A 410 9.11 31.76 -1.09
C GLN A 410 8.32 32.97 -1.56
N ILE A 411 7.37 32.79 -2.47
CA ILE A 411 6.58 33.94 -2.94
C ILE A 411 5.78 34.54 -1.80
N THR A 412 5.08 33.70 -1.03
CA THR A 412 4.44 34.18 0.19
C THR A 412 5.48 34.57 1.23
N SER A 413 6.68 33.99 1.15
CA SER A 413 7.75 34.39 2.06
C SER A 413 8.38 35.72 1.67
N LEU A 414 8.38 36.05 0.37
CA LEU A 414 8.98 37.29 -0.09
C LEU A 414 8.01 38.46 -0.14
N VAL A 415 6.71 38.20 -0.29
CA VAL A 415 5.75 39.30 -0.39
C VAL A 415 5.70 40.08 0.92
N ASP A 416 5.69 39.38 2.05
CA ASP A 416 5.72 40.04 3.35
C ASP A 416 7.13 40.38 3.81
N LEU A 417 8.16 39.81 3.18
CA LEU A 417 9.53 40.16 3.54
C LEU A 417 9.86 41.58 3.13
N TYR A 418 9.33 42.03 2.00
CA TYR A 418 9.61 43.36 1.47
C TYR A 418 8.27 44.05 1.19
N PRO A 419 7.60 44.54 2.24
CA PRO A 419 6.30 45.20 2.05
C PRO A 419 6.44 46.58 1.42
N SER A 420 5.31 47.26 1.22
CA SER A 420 5.20 48.59 0.61
C SER A 420 5.58 48.58 -0.86
N PHE A 421 6.00 47.45 -1.42
CA PHE A 421 6.31 47.34 -2.84
C PHE A 421 5.75 46.07 -3.47
N LEU A 422 5.30 45.10 -2.69
CA LEU A 422 4.77 43.84 -3.19
C LEU A 422 3.29 43.70 -2.86
N ARG A 423 2.52 44.78 -3.04
CA ARG A 423 1.11 44.76 -2.70
C ARG A 423 0.34 43.79 -3.59
N LYS A 424 -0.75 43.26 -3.03
CA LYS A 424 -1.60 42.32 -3.76
C LYS A 424 -2.26 43.05 -4.93
N GLY A 425 -1.91 42.66 -6.16
CA GLY A 425 -2.49 43.29 -7.32
C GLY A 425 -1.52 43.43 -8.48
N TYR A 426 -1.34 44.67 -8.96
CA TYR A 426 -0.43 44.92 -10.06
C TYR A 426 1.01 44.56 -9.68
N ARG A 427 1.41 44.86 -8.44
CA ARG A 427 2.79 44.64 -8.04
C ARG A 427 3.13 43.16 -7.97
N ARG A 428 2.17 42.33 -7.58
CA ARG A 428 2.48 40.91 -7.40
C ARG A 428 2.57 40.19 -8.75
N GLU A 429 1.77 40.61 -9.74
CA GLU A 429 1.73 39.87 -11.00
C GLU A 429 3.07 39.98 -11.74
N ILE A 430 3.70 41.16 -11.72
CA ILE A 430 5.01 41.30 -12.34
C ILE A 430 6.06 40.53 -11.53
N PHE A 431 5.91 40.49 -10.21
CA PHE A 431 6.86 39.76 -9.37
C PHE A 431 6.85 38.28 -9.69
N ILE A 432 5.67 37.69 -9.87
CA ILE A 432 5.58 36.28 -10.26
C ILE A 432 6.24 36.08 -11.62
N ALA A 433 5.99 37.00 -12.55
CA ALA A 433 6.71 36.97 -13.82
C ALA A 433 8.19 37.23 -13.61
N PHE A 434 8.54 38.16 -12.72
CA PHE A 434 9.93 38.48 -12.48
C PHE A 434 10.69 37.29 -11.91
N VAL A 435 10.10 36.61 -10.92
CA VAL A 435 10.79 35.49 -10.28
C VAL A 435 10.90 34.32 -11.24
N CYS A 436 9.89 34.09 -12.07
CA CYS A 436 9.95 33.00 -13.04
C CYS A 436 10.98 33.29 -14.12
N SER A 437 11.03 34.54 -14.60
CA SER A 437 11.94 34.87 -15.68
C SER A 437 13.40 34.76 -15.26
N ILE A 438 13.74 35.30 -14.08
CA ILE A 438 15.12 35.24 -13.62
C ILE A 438 15.51 33.80 -13.32
N SER A 439 14.57 33.00 -12.81
CA SER A 439 14.84 31.58 -12.60
C SER A 439 14.90 30.82 -13.91
N TYR A 440 14.11 31.24 -14.90
CA TYR A 440 14.18 30.61 -16.22
C TYR A 440 15.55 30.79 -16.85
N LEU A 441 16.08 32.00 -16.79
CA LEU A 441 17.42 32.25 -17.33
C LEU A 441 18.46 31.44 -16.59
N LEU A 442 18.36 31.38 -15.25
CA LEU A 442 19.27 30.52 -14.49
C LEU A 442 19.01 29.05 -14.79
N GLY A 443 17.79 28.70 -15.18
CA GLY A 443 17.50 27.34 -15.59
C GLY A 443 18.01 26.98 -16.97
N LEU A 444 18.37 27.98 -17.78
CA LEU A 444 18.90 27.72 -19.11
C LEU A 444 20.32 27.18 -19.09
N THR A 445 21.00 27.25 -17.94
CA THR A 445 22.34 26.67 -17.85
C THR A 445 22.30 25.17 -18.10
N MET A 446 21.28 24.50 -17.57
CA MET A 446 21.14 23.06 -17.78
C MET A 446 20.68 22.72 -19.19
N VAL A 447 19.99 23.64 -19.87
CA VAL A 447 19.58 23.39 -21.24
C VAL A 447 20.79 23.27 -22.15
N THR A 448 21.91 23.87 -21.75
CA THR A 448 23.15 23.75 -22.52
C THR A 448 23.61 22.29 -22.49
N GLU A 449 24.35 21.90 -23.55
CA GLU A 449 24.80 20.52 -23.67
C GLU A 449 25.66 20.11 -22.48
N GLY A 450 26.45 21.03 -21.95
CA GLY A 450 27.26 20.79 -20.77
C GLY A 450 26.57 21.06 -19.44
N GLY A 451 25.27 21.37 -19.46
CA GLY A 451 24.57 21.73 -18.25
C GLY A 451 24.30 20.59 -17.29
N MET A 452 24.51 19.35 -17.72
CA MET A 452 24.38 18.22 -16.80
C MET A 452 25.43 18.29 -15.71
N TYR A 453 26.66 18.69 -16.06
CA TYR A 453 27.69 18.92 -15.06
C TYR A 453 27.31 20.06 -14.12
N VAL A 454 26.71 21.12 -14.65
CA VAL A 454 26.15 22.17 -13.80
C VAL A 454 25.03 21.61 -12.94
N PHE A 455 24.23 20.70 -13.51
CA PHE A 455 23.09 20.15 -12.79
C PHE A 455 23.52 19.42 -11.53
N GLN A 456 24.60 18.64 -11.63
CA GLN A 456 25.08 17.91 -10.46
C GLN A 456 25.53 18.86 -9.36
N LEU A 457 26.03 20.04 -9.74
CA LEU A 457 26.54 20.99 -8.77
C LEU A 457 25.43 21.49 -7.84
N PHE A 458 24.28 21.86 -8.40
CA PHE A 458 23.14 22.22 -7.56
C PHE A 458 22.68 21.03 -6.72
N ASP A 459 22.60 19.85 -7.33
CA ASP A 459 22.01 18.71 -6.65
C ASP A 459 22.82 18.31 -5.42
N TYR A 460 24.15 18.38 -5.52
CA TYR A 460 25.00 17.94 -4.42
C TYR A 460 25.35 19.06 -3.46
N TYR A 461 25.25 20.31 -3.87
CA TYR A 461 25.67 21.44 -3.04
C TYR A 461 24.55 22.41 -2.72
N ALA A 462 23.77 22.82 -3.72
CA ALA A 462 22.77 23.88 -3.51
C ALA A 462 21.69 23.45 -2.54
N ALA A 463 21.19 22.22 -2.66
CA ALA A 463 20.08 21.75 -1.85
C ALA A 463 20.36 20.38 -1.25
N SER A 464 21.63 20.06 -1.00
CA SER A 464 22.01 18.81 -0.35
C SER A 464 23.43 18.97 0.18
N GLY A 465 24.02 17.85 0.58
CA GLY A 465 25.37 17.90 1.15
C GLY A 465 25.39 18.59 2.50
N VAL A 466 26.47 19.31 2.76
CA VAL A 466 26.60 20.03 4.03
C VAL A 466 25.55 21.12 4.15
N CYS A 467 24.94 21.53 3.03
CA CYS A 467 23.98 22.63 3.09
C CYS A 467 22.80 22.31 3.99
N LEU A 468 22.25 21.10 3.86
CA LEU A 468 21.11 20.72 4.69
C LEU A 468 21.53 20.35 6.10
N LEU A 469 22.72 19.76 6.26
CA LEU A 469 23.19 19.41 7.60
C LEU A 469 23.39 20.65 8.45
N TRP A 470 23.97 21.71 7.87
CA TRP A 470 24.27 22.91 8.64
C TRP A 470 22.99 23.58 9.15
N VAL A 471 21.98 23.70 8.30
CA VAL A 471 20.74 24.32 8.70
C VAL A 471 19.98 23.42 9.67
N ALA A 472 19.99 22.11 9.44
CA ALA A 472 19.30 21.19 10.34
C ALA A 472 19.88 21.23 11.73
N PHE A 473 21.21 21.33 11.84
CA PHE A 473 21.85 21.49 13.14
C PHE A 473 21.34 22.73 13.86
N PHE A 474 21.32 23.87 13.17
CA PHE A 474 20.93 25.11 13.82
C PHE A 474 19.44 25.15 14.14
N GLU A 475 18.64 24.32 13.46
CA GLU A 475 17.22 24.25 13.80
C GLU A 475 17.02 23.57 15.14
N CYS A 476 17.67 22.42 15.35
CA CYS A 476 17.54 21.72 16.62
C CYS A 476 18.37 22.37 17.73
N PHE A 477 19.43 23.09 17.37
CA PHE A 477 20.27 23.73 18.37
C PHE A 477 19.52 24.84 19.10
N VAL A 478 18.75 25.64 18.37
CA VAL A 478 18.10 26.80 18.99
C VAL A 478 16.99 26.35 19.94
N ILE A 479 16.24 25.33 19.57
CA ILE A 479 15.11 24.89 20.40
C ILE A 479 15.62 24.21 21.67
N ALA A 480 16.64 23.35 21.55
CA ALA A 480 17.02 22.50 22.67
C ALA A 480 17.69 23.30 23.78
N TRP A 481 18.57 24.24 23.42
CA TRP A 481 19.36 24.95 24.40
C TRP A 481 18.84 26.36 24.67
N ILE A 482 18.63 27.16 23.63
CA ILE A 482 18.18 28.53 23.82
C ILE A 482 16.73 28.56 24.27
N TYR A 483 15.83 28.04 23.44
CA TYR A 483 14.41 28.07 23.78
C TYR A 483 14.07 27.06 24.87
N GLY A 484 14.65 25.87 24.80
CA GLY A 484 14.34 24.82 25.76
C GLY A 484 13.32 23.84 25.24
N GLY A 485 13.69 22.56 25.18
CA GLY A 485 12.76 21.55 24.72
C GLY A 485 11.56 21.40 25.62
N ASP A 486 11.77 21.54 26.93
CA ASP A 486 10.66 21.46 27.88
C ASP A 486 9.67 22.60 27.67
N ASN A 487 10.17 23.80 27.39
CA ASN A 487 9.27 24.91 27.09
C ASN A 487 8.45 24.64 25.83
N LEU A 488 9.08 24.05 24.81
CA LEU A 488 8.35 23.68 23.61
C LEU A 488 7.26 22.65 23.92
N TYR A 489 7.61 21.62 24.69
CA TYR A 489 6.66 20.56 24.99
C TYR A 489 5.51 21.08 25.84
N ASP A 490 5.75 22.12 26.65
CA ASP A 490 4.69 22.68 27.47
C ASP A 490 3.54 23.19 26.60
N GLY A 491 3.87 23.86 25.50
CA GLY A 491 2.84 24.25 24.55
C GLY A 491 2.21 23.03 23.88
N ILE A 492 3.03 22.08 23.45
CA ILE A 492 2.55 20.94 22.69
C ILE A 492 1.55 20.13 23.50
N GLU A 493 1.79 20.00 24.81
CA GLU A 493 0.80 19.37 25.67
C GLU A 493 -0.54 20.07 25.60
N ASP A 494 -0.53 21.40 25.53
CA ASP A 494 -1.75 22.18 25.37
C ASP A 494 -2.21 22.26 23.91
N MET A 495 -1.35 21.90 22.97
CA MET A 495 -1.73 21.99 21.55
C MET A 495 -2.44 20.72 21.09
N ILE A 496 -1.75 19.58 21.18
CA ILE A 496 -2.31 18.32 20.70
C ILE A 496 -3.08 17.57 21.77
N GLY A 497 -3.08 18.05 23.01
CA GLY A 497 -3.85 17.45 24.08
C GLY A 497 -3.07 16.56 25.01
N TYR A 498 -1.86 16.15 24.64
CA TYR A 498 -1.05 15.28 25.48
C TYR A 498 0.42 15.46 25.17
N ARG A 499 1.26 14.99 26.08
CA ARG A 499 2.69 15.20 25.97
C ARG A 499 3.29 14.29 24.90
N PRO A 500 4.04 14.83 23.94
CA PRO A 500 4.78 13.97 23.02
C PRO A 500 5.94 13.29 23.74
N GLY A 501 6.36 12.15 23.18
CA GLY A 501 7.40 11.35 23.77
C GLY A 501 8.72 12.09 23.91
N PRO A 502 9.33 12.00 25.10
CA PRO A 502 10.64 12.61 25.32
C PRO A 502 11.71 12.21 24.30
N TRP A 503 11.48 11.20 23.46
CA TRP A 503 12.55 10.68 22.62
C TRP A 503 13.04 11.71 21.61
N MET A 504 12.13 12.48 21.00
CA MET A 504 12.58 13.52 20.09
C MET A 504 13.23 14.69 20.82
N LYS A 505 12.89 14.90 22.09
CA LYS A 505 13.55 15.94 22.87
C LYS A 505 15.04 15.63 23.02
N TYR A 506 15.37 14.38 23.34
CA TYR A 506 16.77 13.98 23.37
C TYR A 506 17.38 14.00 21.98
N SER A 507 16.58 13.64 20.96
CA SER A 507 17.07 13.69 19.59
C SER A 507 17.52 15.09 19.21
N TRP A 508 16.69 16.09 19.52
CA TRP A 508 17.08 17.48 19.29
C TRP A 508 18.23 17.88 20.21
N ALA A 509 18.43 17.14 21.30
CA ALA A 509 19.43 17.53 22.28
C ALA A 509 20.83 17.04 21.91
N VAL A 510 21.00 15.74 21.71
CA VAL A 510 22.31 15.15 21.49
C VAL A 510 22.36 14.34 20.19
N ILE A 511 21.32 13.54 19.91
CA ILE A 511 21.36 12.65 18.75
C ILE A 511 21.52 13.45 17.46
N THR A 512 20.52 14.27 17.13
CA THR A 512 20.60 15.07 15.90
C THR A 512 21.79 16.02 15.88
N PRO A 513 22.12 16.76 16.95
CA PRO A 513 23.34 17.59 16.89
C PRO A 513 24.59 16.79 16.62
N VAL A 514 24.72 15.59 17.20
CA VAL A 514 25.87 14.75 16.92
C VAL A 514 25.81 14.22 15.49
N LEU A 515 24.61 13.86 15.02
CA LEU A 515 24.46 13.36 13.66
C LEU A 515 24.88 14.42 12.64
N CYS A 516 24.48 15.67 12.85
CA CYS A 516 24.87 16.73 11.93
C CYS A 516 26.35 17.07 12.06
N VAL A 517 26.83 17.23 13.30
CA VAL A 517 28.23 17.60 13.52
C VAL A 517 29.16 16.49 13.07
N GLY A 518 28.81 15.24 13.41
CA GLY A 518 29.71 14.13 13.13
C GLY A 518 30.06 14.01 11.65
N CYS A 519 29.05 14.09 10.79
CA CYS A 519 29.30 13.99 9.35
C CYS A 519 30.09 15.17 8.83
N PHE A 520 29.94 16.35 9.44
CA PHE A 520 30.60 17.54 8.92
C PHE A 520 32.12 17.42 9.00
N ILE A 521 32.65 17.09 10.17
CA ILE A 521 34.10 16.95 10.31
C ILE A 521 34.59 15.72 9.55
N PHE A 522 33.80 14.64 9.54
CA PHE A 522 34.16 13.48 8.73
C PHE A 522 34.33 13.87 7.27
N SER A 523 33.51 14.79 6.78
CA SER A 523 33.70 15.32 5.44
C SER A 523 34.93 16.21 5.37
N LEU A 524 35.21 16.96 6.44
CA LEU A 524 36.35 17.87 6.44
C LEU A 524 37.66 17.11 6.34
N VAL A 525 37.88 16.13 7.24
CA VAL A 525 39.15 15.42 7.24
C VAL A 525 39.25 14.46 6.05
N LYS A 526 38.17 13.73 5.76
CA LYS A 526 38.13 12.82 4.63
C LYS A 526 37.43 13.47 3.44
N TYR A 527 38.05 14.53 2.92
CA TYR A 527 37.46 15.30 1.83
C TYR A 527 37.75 14.60 0.51
N VAL A 528 36.71 14.00 -0.06
CA VAL A 528 36.77 13.36 -1.37
C VAL A 528 35.99 14.24 -2.35
N PRO A 529 36.62 14.76 -3.39
CA PRO A 529 35.90 15.64 -4.32
C PRO A 529 34.78 14.91 -5.03
N LEU A 530 33.71 15.65 -5.32
CA LEU A 530 32.56 15.09 -6.02
C LEU A 530 32.96 14.67 -7.43
N THR A 531 32.35 13.58 -7.90
CA THR A 531 32.61 13.06 -9.23
C THR A 531 31.30 12.70 -9.90
N TYR A 532 31.32 12.71 -11.24
CA TYR A 532 30.16 12.33 -12.04
C TYR A 532 30.40 10.97 -12.67
N ASN A 533 29.42 10.08 -12.53
CA ASN A 533 29.48 8.72 -13.09
C ASN A 533 30.73 7.99 -12.61
N LYS A 534 31.20 8.35 -11.42
CA LYS A 534 32.42 7.81 -10.79
C LYS A 534 33.60 7.76 -11.75
N THR A 535 33.59 8.60 -12.78
CA THR A 535 34.67 8.63 -13.77
C THR A 535 35.12 10.03 -14.15
N TYR A 536 34.36 11.08 -13.84
CA TYR A 536 34.69 12.44 -14.24
C TYR A 536 34.99 13.28 -13.01
N VAL A 537 36.09 14.04 -13.06
CA VAL A 537 36.49 14.91 -11.97
C VAL A 537 36.32 16.36 -12.41
N TYR A 538 35.65 17.14 -11.58
CA TYR A 538 35.44 18.55 -11.89
C TYR A 538 36.71 19.36 -11.60
N PRO A 539 36.90 20.48 -12.28
CA PRO A 539 38.05 21.34 -11.99
C PRO A 539 37.87 22.04 -10.65
N ASN A 540 38.96 22.68 -10.21
CA ASN A 540 38.97 23.33 -8.91
C ASN A 540 37.96 24.48 -8.85
N TRP A 541 37.87 25.27 -9.93
CA TRP A 541 36.95 26.40 -9.93
C TRP A 541 35.50 25.92 -9.91
N ALA A 542 35.21 24.79 -10.55
CA ALA A 542 33.86 24.25 -10.53
C ALA A 542 33.43 23.89 -9.11
N ILE A 543 34.34 23.28 -8.33
CA ILE A 543 34.03 22.98 -6.95
C ILE A 543 33.79 24.26 -6.15
N GLY A 544 34.60 25.28 -6.39
CA GLY A 544 34.41 26.55 -5.71
C GLY A 544 33.06 27.17 -6.04
N LEU A 545 32.63 27.06 -7.30
CA LEU A 545 31.31 27.57 -7.67
C LEU A 545 30.21 26.84 -6.92
N GLY A 546 30.32 25.52 -6.80
CA GLY A 546 29.33 24.78 -6.03
C GLY A 546 29.36 25.12 -4.56
N TRP A 547 30.56 25.25 -3.98
CA TRP A 547 30.66 25.61 -2.57
C TRP A 547 30.15 27.01 -2.30
N SER A 548 30.44 27.95 -3.20
CA SER A 548 29.94 29.32 -3.05
C SER A 548 28.42 29.32 -2.96
N LEU A 549 27.77 28.42 -3.71
CA LEU A 549 26.34 28.25 -3.60
C LEU A 549 25.94 27.78 -2.21
N ALA A 550 26.66 26.79 -1.68
CA ALA A 550 26.44 26.37 -0.30
C ALA A 550 26.77 27.49 0.67
N LEU A 551 27.91 28.16 0.47
CA LEU A 551 28.29 29.25 1.33
C LEU A 551 27.29 30.40 1.26
N SER A 552 26.65 30.59 0.11
CA SER A 552 25.56 31.56 0.03
C SER A 552 24.43 31.17 0.97
N SER A 553 24.11 29.88 1.05
CA SER A 553 23.16 29.40 2.04
C SER A 553 23.78 29.34 3.43
N MET A 554 25.08 29.06 3.52
CA MET A 554 25.74 29.01 4.83
C MET A 554 25.72 30.37 5.51
N LEU A 555 26.17 31.40 4.82
CA LEU A 555 26.39 32.70 5.46
C LEU A 555 25.10 33.45 5.77
N CYS A 556 23.93 32.86 5.48
CA CYS A 556 22.69 33.53 5.83
C CYS A 556 22.57 33.72 7.34
N VAL A 557 22.92 32.70 8.11
CA VAL A 557 22.83 32.76 9.58
C VAL A 557 23.99 33.57 10.15
N PRO A 558 25.26 33.22 9.93
CA PRO A 558 26.34 33.94 10.64
C PRO A 558 26.33 35.44 10.38
N LEU A 559 25.92 35.87 9.18
CA LEU A 559 25.89 37.30 8.89
C LEU A 559 24.75 38.00 9.64
N VAL A 560 23.61 37.34 9.79
CA VAL A 560 22.45 38.04 10.34
C VAL A 560 22.67 38.39 11.81
N ILE A 561 23.33 37.51 12.58
CA ILE A 561 23.70 37.88 13.94
C ILE A 561 24.63 39.08 13.92
N VAL A 562 25.60 39.08 13.01
CA VAL A 562 26.42 40.28 12.81
C VAL A 562 25.53 41.45 12.39
N ILE A 563 24.54 41.18 11.54
CA ILE A 563 23.62 42.23 11.12
C ILE A 563 22.72 42.64 12.28
N ARG A 564 22.19 41.67 13.02
CA ARG A 564 21.21 41.99 14.05
C ARG A 564 21.85 42.66 15.27
N LEU A 565 23.15 42.47 15.48
CA LEU A 565 23.77 43.03 16.68
C LEU A 565 24.03 44.53 16.54
N CYS A 566 24.18 45.02 15.31
CA CYS A 566 24.62 46.41 15.12
C CYS A 566 23.58 47.43 15.58
N GLN A 567 22.31 47.21 15.31
CA GLN A 567 21.29 48.18 15.70
C GLN A 567 20.96 48.06 17.18
N ASP B 49 -15.70 3.06 18.35
CA ASP B 49 -15.88 1.62 18.43
C ASP B 49 -16.16 1.04 17.05
N PHE B 50 -16.78 1.84 16.18
CA PHE B 50 -17.10 1.38 14.83
C PHE B 50 -15.85 1.11 14.03
N VAL B 51 -14.83 1.97 14.16
CA VAL B 51 -13.60 1.79 13.39
C VAL B 51 -12.89 0.50 13.80
N LEU B 52 -12.97 0.14 15.08
CA LEU B 52 -12.32 -1.08 15.56
C LEU B 52 -12.88 -2.31 14.85
N SER B 53 -14.20 -2.37 14.69
CA SER B 53 -14.81 -3.52 14.03
C SER B 53 -14.52 -3.54 12.54
N VAL B 54 -14.22 -2.37 11.95
CA VAL B 54 -13.84 -2.32 10.54
C VAL B 54 -12.55 -3.11 10.33
N ALA B 55 -11.57 -2.91 11.21
CA ALA B 55 -10.38 -3.75 11.20
C ALA B 55 -10.64 -5.14 11.75
N GLY B 56 -11.82 -5.38 12.31
CA GLY B 56 -12.14 -6.67 12.91
C GLY B 56 -13.02 -7.53 12.02
N GLY B 57 -14.33 -7.53 12.29
CA GLY B 57 -15.24 -8.40 11.56
C GLY B 57 -15.26 -8.12 10.08
N PHE B 58 -15.11 -6.85 9.69
CA PHE B 58 -15.13 -6.50 8.27
C PHE B 58 -13.99 -7.17 7.52
N VAL B 59 -12.79 -7.17 8.10
CA VAL B 59 -11.64 -7.83 7.48
C VAL B 59 -11.67 -9.31 7.83
N GLY B 60 -11.66 -10.17 6.82
CA GLY B 60 -11.76 -11.60 7.02
C GLY B 60 -10.64 -12.35 6.34
N LEU B 61 -10.43 -13.58 6.80
CA LEU B 61 -9.41 -14.44 6.18
C LEU B 61 -9.75 -14.75 4.74
N GLY B 62 -11.04 -14.70 4.38
CA GLY B 62 -11.43 -15.01 3.02
C GLY B 62 -10.76 -14.14 1.99
N ASN B 63 -10.35 -12.92 2.38
CA ASN B 63 -9.56 -12.08 1.50
C ASN B 63 -8.22 -12.73 1.14
N VAL B 64 -7.56 -13.34 2.12
CA VAL B 64 -6.28 -13.99 1.91
C VAL B 64 -6.40 -15.50 1.82
N TRP B 65 -7.52 -16.08 2.22
CA TRP B 65 -7.72 -17.52 2.18
C TRP B 65 -8.72 -17.95 1.12
N ARG B 66 -9.95 -17.44 1.16
CA ARG B 66 -10.99 -17.93 0.25
C ARG B 66 -10.88 -17.28 -1.12
N PHE B 67 -10.51 -16.00 -1.17
CA PHE B 67 -10.38 -15.33 -2.47
C PHE B 67 -9.39 -16.01 -3.40
N PRO B 68 -8.15 -16.32 -2.98
CA PRO B 68 -7.28 -17.07 -3.90
C PRO B 68 -7.79 -18.46 -4.22
N TYR B 69 -8.47 -19.11 -3.28
CA TYR B 69 -9.07 -20.41 -3.56
C TYR B 69 -10.19 -20.28 -4.58
N LEU B 70 -11.10 -19.33 -4.37
CA LEU B 70 -12.23 -19.18 -5.28
C LEU B 70 -11.75 -18.82 -6.68
N CYS B 71 -10.75 -17.95 -6.78
CA CYS B 71 -10.15 -17.66 -8.08
C CYS B 71 -9.48 -18.89 -8.67
N TYR B 72 -8.78 -19.66 -7.83
CA TYR B 72 -8.05 -20.82 -8.32
C TYR B 72 -9.00 -21.89 -8.85
N LYS B 73 -10.08 -22.17 -8.13
CA LYS B 73 -10.98 -23.25 -8.55
C LYS B 73 -11.73 -22.88 -9.82
N ASN B 74 -12.10 -21.62 -9.98
CA ASN B 74 -12.82 -21.17 -11.18
C ASN B 74 -11.81 -20.66 -12.22
N GLY B 75 -11.02 -21.60 -12.73
CA GLY B 75 -10.02 -21.27 -13.73
C GLY B 75 -9.00 -20.29 -13.19
N GLY B 76 -8.64 -19.31 -14.02
CA GLY B 76 -7.69 -18.29 -13.62
C GLY B 76 -8.26 -16.89 -13.65
N GLY B 77 -7.83 -16.09 -14.63
CA GLY B 77 -8.33 -14.73 -14.78
C GLY B 77 -9.79 -14.63 -15.14
N ALA B 78 -10.42 -15.73 -15.54
CA ALA B 78 -11.85 -15.73 -15.81
C ALA B 78 -12.65 -15.44 -14.55
N PHE B 79 -12.03 -15.55 -13.37
CA PHE B 79 -12.68 -15.18 -12.12
C PHE B 79 -12.73 -13.66 -11.92
N LEU B 80 -11.75 -12.93 -12.47
CA LEU B 80 -11.60 -11.53 -12.13
C LEU B 80 -12.74 -10.68 -12.67
N ILE B 81 -13.11 -10.86 -13.93
CA ILE B 81 -14.18 -10.04 -14.52
C ILE B 81 -15.48 -10.19 -13.77
N PRO B 82 -16.00 -11.40 -13.51
CA PRO B 82 -17.20 -11.49 -12.67
C PRO B 82 -17.01 -10.90 -11.29
N TYR B 83 -15.82 -11.06 -10.71
CA TYR B 83 -15.48 -10.39 -9.46
C TYR B 83 -15.69 -8.89 -9.57
N PHE B 84 -15.13 -8.26 -10.60
CA PHE B 84 -15.19 -6.81 -10.69
C PHE B 84 -16.60 -6.31 -11.02
N ILE B 85 -17.31 -6.97 -11.94
CA ILE B 85 -18.65 -6.49 -12.26
C ILE B 85 -19.58 -6.67 -11.07
N PHE B 86 -19.45 -7.78 -10.35
CA PHE B 86 -20.26 -7.98 -9.17
C PHE B 86 -19.90 -6.95 -8.09
N LEU B 87 -18.62 -6.65 -7.94
CA LEU B 87 -18.19 -5.61 -7.00
C LEU B 87 -18.86 -4.29 -7.34
N PHE B 88 -18.54 -3.74 -8.52
CA PHE B 88 -19.03 -2.42 -8.92
C PHE B 88 -20.53 -2.39 -9.15
N GLY B 89 -21.19 -3.53 -9.28
CA GLY B 89 -22.62 -3.55 -9.53
C GLY B 89 -23.44 -3.71 -8.28
N SER B 90 -23.00 -4.56 -7.37
CA SER B 90 -23.75 -4.76 -6.14
C SER B 90 -22.94 -4.48 -4.88
N GLY B 91 -21.69 -4.93 -4.83
CA GLY B 91 -20.93 -4.98 -3.59
C GLY B 91 -20.84 -3.66 -2.85
N LEU B 92 -20.13 -2.69 -3.42
CA LEU B 92 -20.10 -1.36 -2.84
C LEU B 92 -21.48 -0.73 -2.72
N PRO B 93 -22.38 -0.81 -3.72
CA PRO B 93 -23.74 -0.31 -3.54
C PRO B 93 -24.46 -0.90 -2.32
N VAL B 94 -24.52 -2.23 -2.22
CA VAL B 94 -25.25 -2.83 -1.11
C VAL B 94 -24.51 -2.62 0.20
N PHE B 95 -23.18 -2.48 0.14
CA PHE B 95 -22.43 -2.16 1.35
C PHE B 95 -22.84 -0.81 1.92
N PHE B 96 -22.82 0.22 1.06
CA PHE B 96 -23.27 1.53 1.51
C PHE B 96 -24.73 1.48 1.92
N LEU B 97 -25.55 0.66 1.25
CA LEU B 97 -26.95 0.53 1.63
C LEU B 97 -27.10 0.03 3.05
N GLU B 98 -26.42 -1.07 3.39
CA GLU B 98 -26.61 -1.64 4.72
C GLU B 98 -25.98 -0.76 5.79
N ILE B 99 -24.84 -0.14 5.50
CA ILE B 99 -24.27 0.83 6.45
C ILE B 99 -25.25 1.99 6.67
N ILE B 100 -25.83 2.51 5.60
CA ILE B 100 -26.68 3.69 5.74
C ILE B 100 -27.98 3.35 6.44
N ILE B 101 -28.52 2.14 6.23
CA ILE B 101 -29.75 1.79 6.93
C ILE B 101 -29.47 1.55 8.41
N GLY B 102 -28.33 0.91 8.73
CA GLY B 102 -27.95 0.76 10.12
C GLY B 102 -27.77 2.11 10.80
N GLN B 103 -27.23 3.09 10.07
CA GLN B 103 -27.05 4.42 10.62
C GLN B 103 -28.39 5.14 10.77
N TYR B 104 -29.27 5.01 9.78
CA TYR B 104 -30.56 5.69 9.83
C TYR B 104 -31.42 5.18 10.97
N THR B 105 -31.50 3.86 11.15
CA THR B 105 -32.30 3.31 12.23
C THR B 105 -31.58 3.40 13.58
N SER B 106 -30.25 3.39 13.58
CA SER B 106 -29.46 3.38 14.82
C SER B 106 -29.90 2.23 15.73
N GLU B 107 -30.19 1.08 15.12
CA GLU B 107 -30.67 -0.09 15.83
C GLU B 107 -29.96 -1.32 15.28
N GLY B 108 -30.45 -2.49 15.69
CA GLY B 108 -29.86 -3.74 15.26
C GLY B 108 -30.29 -4.17 13.87
N GLY B 109 -29.67 -5.24 13.39
CA GLY B 109 -29.97 -5.73 12.05
C GLY B 109 -31.38 -6.30 11.94
N ILE B 110 -31.80 -7.07 12.94
CA ILE B 110 -33.12 -7.68 12.89
C ILE B 110 -34.21 -6.61 13.01
N THR B 111 -34.04 -5.65 13.91
CA THR B 111 -35.07 -4.64 14.15
C THR B 111 -35.19 -3.70 12.95
N CYS B 112 -34.08 -3.40 12.27
CA CYS B 112 -34.13 -2.46 11.16
C CYS B 112 -34.99 -2.99 10.02
N TRP B 113 -34.89 -4.29 9.73
CA TRP B 113 -35.69 -4.87 8.66
C TRP B 113 -37.19 -4.75 8.97
N GLU B 114 -37.56 -4.99 10.23
CA GLU B 114 -38.95 -4.82 10.62
C GLU B 114 -39.38 -3.36 10.52
N LYS B 115 -38.51 -2.44 10.93
CA LYS B 115 -38.85 -1.02 10.89
C LYS B 115 -39.07 -0.54 9.46
N ILE B 116 -38.21 -0.98 8.53
CA ILE B 116 -38.39 -0.59 7.14
C ILE B 116 -39.71 -1.11 6.60
N CYS B 117 -40.03 -2.36 6.87
CA CYS B 117 -41.29 -2.96 6.45
C CYS B 117 -41.63 -4.14 7.35
N PRO B 118 -42.87 -4.21 7.86
CA PRO B 118 -43.24 -5.38 8.67
C PRO B 118 -43.09 -6.69 7.93
N LEU B 119 -43.39 -6.70 6.63
CA LEU B 119 -43.14 -7.86 5.80
C LEU B 119 -41.66 -7.94 5.45
N PHE B 120 -41.24 -9.13 5.02
CA PHE B 120 -39.86 -9.39 4.62
C PHE B 120 -38.87 -9.10 5.74
N SER B 121 -39.30 -9.33 6.98
CA SER B 121 -38.48 -9.05 8.15
C SER B 121 -37.58 -10.22 8.54
N GLY B 122 -37.63 -11.32 7.81
CA GLY B 122 -36.82 -12.48 8.11
C GLY B 122 -35.36 -12.39 7.69
N ILE B 123 -34.97 -11.27 7.08
CA ILE B 123 -33.57 -11.11 6.69
C ILE B 123 -32.67 -11.13 7.92
N GLY B 124 -33.12 -10.56 9.03
CA GLY B 124 -32.34 -10.60 10.25
C GLY B 124 -32.14 -12.02 10.77
N TYR B 125 -33.21 -12.82 10.78
CA TYR B 125 -33.09 -14.21 11.22
C TYR B 125 -32.17 -14.99 10.29
N ALA B 126 -32.30 -14.76 8.98
CA ALA B 126 -31.40 -15.41 8.03
C ALA B 126 -29.96 -15.00 8.28
N SER B 127 -29.73 -13.72 8.59
CA SER B 127 -28.39 -13.25 8.89
C SER B 127 -27.82 -13.92 10.14
N VAL B 128 -28.67 -14.11 11.16
CA VAL B 128 -28.22 -14.81 12.36
C VAL B 128 -27.83 -16.24 12.04
N VAL B 129 -28.64 -16.91 11.22
CA VAL B 129 -28.29 -18.28 10.79
C VAL B 129 -26.97 -18.28 10.05
N ILE B 130 -26.78 -17.29 9.16
CA ILE B 130 -25.55 -17.24 8.37
C ILE B 130 -24.34 -17.00 9.25
N VAL B 131 -24.44 -16.10 10.24
CA VAL B 131 -23.28 -15.81 11.07
C VAL B 131 -22.94 -17.01 11.94
N SER B 132 -23.95 -17.72 12.45
CA SER B 132 -23.67 -18.92 13.24
C SER B 132 -22.98 -19.98 12.39
N LEU B 133 -23.54 -20.26 11.21
CA LEU B 133 -22.95 -21.25 10.32
C LEU B 133 -21.61 -20.80 9.78
N LEU B 134 -21.34 -19.49 9.72
CA LEU B 134 -20.02 -19.01 9.35
C LEU B 134 -19.02 -19.23 10.47
N ASN B 135 -19.43 -18.91 11.70
CA ASN B 135 -18.53 -19.05 12.85
C ASN B 135 -18.10 -20.49 13.03
N VAL B 136 -19.02 -21.44 12.83
CA VAL B 136 -18.76 -22.82 13.20
C VAL B 136 -17.57 -23.39 12.41
N TYR B 137 -17.29 -22.87 11.21
CA TYR B 137 -16.12 -23.34 10.48
C TYR B 137 -15.02 -22.30 10.35
N TYR B 138 -15.33 -21.00 10.49
CA TYR B 138 -14.26 -20.02 10.60
C TYR B 138 -13.40 -20.31 11.83
N ILE B 139 -14.02 -20.79 12.91
CA ILE B 139 -13.27 -21.09 14.13
C ILE B 139 -12.32 -22.26 13.91
N VAL B 140 -12.74 -23.25 13.11
CA VAL B 140 -11.84 -24.37 12.86
C VAL B 140 -10.77 -23.99 11.84
N ILE B 141 -11.04 -23.00 10.98
CA ILE B 141 -9.97 -22.42 10.18
C ILE B 141 -8.88 -21.87 11.08
N LEU B 142 -9.28 -21.08 12.09
CA LEU B 142 -8.30 -20.60 13.06
C LEU B 142 -7.66 -21.74 13.85
N ALA B 143 -8.42 -22.81 14.12
CA ALA B 143 -7.86 -23.96 14.82
C ALA B 143 -6.76 -24.62 14.00
N TRP B 144 -6.98 -24.76 12.69
CA TRP B 144 -5.93 -25.27 11.82
C TRP B 144 -4.72 -24.36 11.84
N ALA B 145 -4.94 -23.04 11.83
CA ALA B 145 -3.83 -22.10 11.89
C ALA B 145 -3.03 -22.26 13.18
N THR B 146 -3.72 -22.42 14.32
CA THR B 146 -3.03 -22.60 15.59
C THR B 146 -2.28 -23.92 15.66
N TYR B 147 -2.87 -24.99 15.13
CA TYR B 147 -2.17 -26.27 15.13
C TYR B 147 -0.91 -26.18 14.29
N TYR B 148 -1.01 -25.51 13.14
CA TYR B 148 0.18 -25.25 12.32
C TYR B 148 1.20 -24.43 13.10
N LEU B 149 0.75 -23.41 13.83
CA LEU B 149 1.65 -22.56 14.59
C LEU B 149 2.39 -23.36 15.65
N PHE B 150 1.69 -24.24 16.35
CA PHE B 150 2.34 -25.07 17.36
C PHE B 150 3.33 -26.05 16.72
N GLN B 151 2.98 -26.60 15.55
CA GLN B 151 3.93 -27.46 14.84
C GLN B 151 5.14 -26.70 14.33
N SER B 152 5.02 -25.39 14.13
CA SER B 152 6.15 -24.59 13.66
C SER B 152 7.11 -24.19 14.76
N PHE B 153 6.80 -24.52 16.02
CA PHE B 153 7.72 -24.27 17.14
C PHE B 153 8.81 -25.34 17.18
N GLN B 154 9.61 -25.37 16.12
CA GLN B 154 10.68 -26.35 15.99
C GLN B 154 11.78 -25.76 15.13
N LYS B 155 12.98 -26.37 15.25
CA LYS B 155 14.11 -25.90 14.46
C LYS B 155 13.87 -26.08 12.97
N GLU B 156 13.30 -27.23 12.57
CA GLU B 156 13.00 -27.51 11.18
C GLU B 156 11.50 -27.65 11.01
N LEU B 157 10.96 -26.97 10.01
CA LEU B 157 9.52 -27.04 9.76
C LEU B 157 9.13 -28.45 9.31
N PRO B 158 8.02 -28.99 9.80
CA PRO B 158 7.64 -30.36 9.43
C PRO B 158 7.41 -30.55 7.95
N TRP B 159 6.89 -29.55 7.24
CA TRP B 159 6.61 -29.68 5.82
C TRP B 159 7.78 -29.27 4.94
N ALA B 160 8.93 -28.93 5.52
CA ALA B 160 10.11 -28.67 4.71
C ALA B 160 10.55 -29.91 3.94
N HIS B 161 10.50 -31.07 4.59
CA HIS B 161 10.83 -32.34 3.95
C HIS B 161 9.86 -33.40 4.45
N CYS B 162 9.66 -34.44 3.65
CA CYS B 162 8.77 -35.54 4.02
C CYS B 162 9.64 -36.80 4.21
N ASN B 163 10.14 -36.98 5.44
CA ASN B 163 10.86 -38.18 5.82
C ASN B 163 10.36 -38.71 7.16
N HIS B 164 9.15 -38.35 7.55
CA HIS B 164 8.59 -38.69 8.84
C HIS B 164 7.71 -39.93 8.73
N SER B 165 7.12 -40.33 9.85
CA SER B 165 6.31 -41.55 9.87
C SER B 165 5.02 -41.38 9.09
N TRP B 166 4.35 -40.23 9.23
CA TRP B 166 3.04 -40.06 8.63
C TRP B 166 3.10 -39.97 7.10
N ASN B 167 4.17 -39.40 6.55
CA ASN B 167 4.26 -39.15 5.12
C ASN B 167 4.24 -40.46 4.33
N THR B 168 3.49 -40.47 3.24
CA THR B 168 3.43 -41.65 2.38
C THR B 168 4.81 -41.90 1.75
N PRO B 169 5.22 -43.17 1.62
CA PRO B 169 6.49 -43.46 0.95
C PRO B 169 6.56 -42.95 -0.47
N HIS B 170 5.42 -42.77 -1.13
CA HIS B 170 5.40 -42.17 -2.46
C HIS B 170 5.62 -40.66 -2.44
N CYS B 171 5.71 -40.04 -1.26
CA CYS B 171 6.07 -38.62 -1.22
C CYS B 171 7.51 -38.44 -1.69
N MET B 172 7.79 -37.26 -2.23
CA MET B 172 9.10 -36.98 -2.81
C MET B 172 9.39 -35.51 -2.67
N GLU B 173 10.67 -35.19 -2.48
CA GLU B 173 11.08 -33.85 -2.16
C GLU B 173 10.79 -32.90 -3.32
N ASP B 174 10.58 -31.64 -2.96
CA ASP B 174 10.09 -30.65 -3.92
C ASP B 174 11.16 -30.34 -4.98
N THR B 175 12.41 -30.16 -4.57
CA THR B 175 13.42 -29.57 -5.44
C THR B 175 13.94 -30.52 -6.51
N MET B 176 13.99 -31.82 -6.24
CA MET B 176 14.77 -32.75 -7.05
C MET B 176 14.00 -33.39 -8.19
N ARG B 177 12.74 -33.01 -8.43
CA ARG B 177 11.98 -33.68 -9.49
C ARG B 177 12.62 -33.46 -10.84
N LYS B 178 13.21 -32.28 -11.06
CA LYS B 178 13.80 -31.91 -12.33
C LYS B 178 15.30 -32.12 -12.39
N ASN B 179 15.98 -32.13 -11.24
CA ASN B 179 17.39 -32.46 -11.21
C ASN B 179 17.63 -33.90 -11.66
N LYS B 180 16.61 -34.76 -11.52
CA LYS B 180 16.65 -36.14 -11.94
C LYS B 180 15.52 -36.39 -12.94
N SER B 188 4.45 -45.33 -11.02
CA SER B 188 3.84 -44.40 -10.08
C SER B 188 4.19 -42.96 -10.45
N THR B 189 3.75 -42.56 -11.64
CA THR B 189 4.09 -41.23 -12.17
C THR B 189 3.56 -40.12 -11.27
N ASN B 190 2.46 -40.37 -10.56
CA ASN B 190 1.87 -39.34 -9.70
C ASN B 190 2.77 -39.11 -8.49
N PHE B 191 3.47 -37.97 -8.49
CA PHE B 191 4.33 -37.57 -7.39
C PHE B 191 3.72 -36.36 -6.70
N THR B 192 3.56 -36.46 -5.38
CA THR B 192 2.97 -35.40 -4.57
C THR B 192 4.06 -34.55 -3.91
N SER B 193 3.62 -33.52 -3.20
CA SER B 193 4.53 -32.61 -2.52
C SER B 193 4.45 -32.79 -1.01
N PRO B 194 5.55 -32.59 -0.30
CA PRO B 194 5.51 -32.73 1.18
C PRO B 194 4.51 -31.80 1.85
N VAL B 195 4.39 -30.56 1.35
CA VAL B 195 3.43 -29.63 1.94
C VAL B 195 1.99 -30.10 1.67
N ILE B 196 1.78 -30.70 0.50
CA ILE B 196 0.43 -31.24 0.16
C ILE B 196 0.10 -32.34 1.17
N GLU B 197 0.98 -33.34 1.30
CA GLU B 197 0.72 -34.48 2.22
C GLU B 197 0.53 -33.96 3.64
N PHE B 198 1.37 -33.03 4.09
CA PHE B 198 1.29 -32.54 5.50
C PHE B 198 -0.14 -32.11 5.81
N TRP B 199 -0.73 -31.26 4.96
CA TRP B 199 -2.11 -30.75 5.19
C TRP B 199 -3.11 -31.91 5.16
N GLU B 200 -2.95 -32.84 4.21
CA GLU B 200 -3.94 -33.94 4.04
C GLU B 200 -3.86 -34.95 5.19
N ARG B 201 -2.67 -35.37 5.61
CA ARG B 201 -2.57 -36.45 6.63
C ARG B 201 -2.22 -35.90 8.02
N ASN B 202 -1.04 -35.30 8.20
CA ASN B 202 -0.63 -34.88 9.55
C ASN B 202 -1.66 -33.91 10.13
N VAL B 203 -2.31 -33.11 9.28
CA VAL B 203 -3.26 -32.07 9.79
C VAL B 203 -4.70 -32.58 9.71
N LEU B 204 -5.06 -33.33 8.66
CA LEU B 204 -6.49 -33.72 8.50
C LEU B 204 -6.65 -35.25 8.44
N SER B 205 -5.59 -36.01 8.15
CA SER B 205 -5.76 -37.47 7.97
C SER B 205 -7.07 -37.69 7.22
N LEU B 206 -7.26 -36.98 6.11
CA LEU B 206 -8.51 -37.03 5.37
C LEU B 206 -8.92 -38.46 5.05
N SER B 207 -10.17 -38.79 5.34
CA SER B 207 -10.73 -40.09 5.06
C SER B 207 -11.01 -40.24 3.57
N PRO B 208 -11.05 -41.47 3.06
CA PRO B 208 -11.37 -41.66 1.64
C PRO B 208 -12.72 -41.11 1.23
N GLY B 209 -13.70 -41.10 2.13
CA GLY B 209 -15.02 -40.60 1.79
C GLY B 209 -15.71 -40.00 2.99
N ILE B 210 -16.76 -39.23 2.71
CA ILE B 210 -17.54 -38.60 3.77
C ILE B 210 -18.28 -39.65 4.59
N ASP B 211 -18.68 -40.76 3.95
CA ASP B 211 -19.40 -41.81 4.65
C ASP B 211 -18.55 -42.54 5.68
N HIS B 212 -17.23 -42.31 5.68
CA HIS B 212 -16.32 -42.87 6.68
C HIS B 212 -15.79 -41.72 7.53
N PRO B 213 -16.40 -41.44 8.67
CA PRO B 213 -15.91 -40.36 9.53
C PRO B 213 -14.52 -40.64 10.10
N GLY B 214 -14.37 -41.81 10.73
CA GLY B 214 -13.11 -42.18 11.34
C GLY B 214 -12.97 -41.61 12.75
N SER B 215 -11.82 -41.92 13.35
CA SER B 215 -11.54 -41.47 14.70
C SER B 215 -11.28 -39.97 14.73
N LEU B 216 -11.61 -39.36 15.87
CA LEU B 216 -11.42 -37.93 16.04
C LEU B 216 -9.95 -37.63 16.33
N LYS B 217 -9.45 -36.54 15.75
CA LYS B 217 -8.06 -36.12 15.93
C LYS B 217 -7.98 -35.20 17.14
N TRP B 218 -7.45 -35.70 18.25
CA TRP B 218 -7.45 -34.93 19.49
C TRP B 218 -6.56 -33.69 19.40
N ASP B 219 -5.56 -33.71 18.51
CA ASP B 219 -4.67 -32.56 18.39
C ASP B 219 -5.42 -31.32 17.90
N LEU B 220 -6.34 -31.50 16.95
CA LEU B 220 -7.13 -30.37 16.48
C LEU B 220 -8.14 -29.91 17.53
N ALA B 221 -8.67 -30.86 18.30
CA ALA B 221 -9.71 -30.51 19.28
C ALA B 221 -9.17 -29.56 20.34
N LEU B 222 -7.97 -29.84 20.86
CA LEU B 222 -7.38 -28.94 21.84
C LEU B 222 -7.05 -27.58 21.23
N CYS B 223 -6.56 -27.57 19.98
CA CYS B 223 -6.32 -26.31 19.30
C CYS B 223 -7.63 -25.56 19.07
N LEU B 224 -8.68 -26.27 18.67
CA LEU B 224 -10.00 -25.66 18.58
C LEU B 224 -10.51 -25.23 19.95
N LEU B 225 -10.13 -25.96 20.99
CA LEU B 225 -10.50 -25.55 22.35
C LEU B 225 -9.84 -24.23 22.72
N LEU B 226 -8.59 -24.04 22.31
CA LEU B 226 -7.86 -22.81 22.66
C LEU B 226 -8.50 -21.58 22.03
N VAL B 227 -8.83 -21.67 20.74
CA VAL B 227 -9.36 -20.50 20.04
C VAL B 227 -10.74 -20.12 20.57
N TRP B 228 -11.57 -21.12 20.90
CA TRP B 228 -12.88 -20.82 21.46
C TRP B 228 -12.75 -20.12 22.82
N LEU B 229 -11.84 -20.60 23.66
CA LEU B 229 -11.61 -19.94 24.95
C LEU B 229 -11.09 -18.53 24.75
N VAL B 230 -10.16 -18.35 23.81
CA VAL B 230 -9.61 -17.03 23.54
C VAL B 230 -10.72 -16.06 23.13
N CYS B 231 -11.62 -16.52 22.26
CA CYS B 231 -12.80 -15.72 21.93
C CYS B 231 -13.73 -15.58 23.13
N PHE B 232 -13.77 -16.58 24.00
CA PHE B 232 -14.69 -16.54 25.14
C PHE B 232 -14.30 -15.48 26.15
N PHE B 233 -13.02 -15.45 26.55
CA PHE B 233 -12.60 -14.55 27.61
C PHE B 233 -12.69 -13.09 27.18
N CYS B 234 -12.28 -12.79 25.94
CA CYS B 234 -12.27 -11.40 25.49
C CYS B 234 -13.68 -10.82 25.45
N ILE B 235 -14.65 -11.58 24.95
CA ILE B 235 -16.02 -11.09 24.89
C ILE B 235 -16.60 -10.98 26.30
N TRP B 236 -16.34 -11.98 27.15
CA TRP B 236 -16.84 -11.93 28.52
C TRP B 236 -16.25 -10.76 29.30
N LYS B 237 -14.96 -10.49 29.12
CA LYS B 237 -14.31 -9.40 29.81
C LYS B 237 -14.51 -8.05 29.14
N GLY B 238 -15.25 -8.01 28.03
CA GLY B 238 -15.45 -6.77 27.30
C GLY B 238 -14.19 -6.23 26.67
N VAL B 239 -13.30 -7.11 26.20
CA VAL B 239 -12.06 -6.69 25.57
C VAL B 239 -12.35 -6.23 24.15
N ARG B 240 -11.73 -5.12 23.74
CA ARG B 240 -11.90 -4.62 22.40
C ARG B 240 -11.32 -5.60 21.38
N SER B 241 -11.78 -5.48 20.13
CA SER B 241 -11.34 -6.38 19.08
C SER B 241 -9.84 -6.29 18.85
N THR B 242 -9.30 -5.07 18.83
CA THR B 242 -7.88 -4.84 18.66
C THR B 242 -7.23 -4.68 20.02
N GLY B 243 -6.28 -5.56 20.33
CA GLY B 243 -5.61 -5.50 21.63
C GLY B 243 -4.57 -4.39 21.66
N LYS B 244 -4.55 -3.67 22.79
CA LYS B 244 -3.62 -2.56 23.01
C LYS B 244 -3.73 -1.54 21.88
N VAL B 245 -2.60 -1.24 21.23
CA VAL B 245 -2.59 -0.31 20.12
C VAL B 245 -3.17 -0.98 18.89
N VAL B 246 -4.05 -0.26 18.18
CA VAL B 246 -4.63 -0.81 16.96
C VAL B 246 -3.57 -0.96 15.88
N TYR B 247 -2.51 -0.15 15.94
CA TYR B 247 -1.51 -0.15 14.86
C TYR B 247 -0.84 -1.51 14.73
N PHE B 248 -0.49 -2.14 15.87
CA PHE B 248 0.13 -3.46 15.81
C PHE B 248 -0.82 -4.48 15.17
N THR B 249 -2.10 -4.41 15.51
CA THR B 249 -3.09 -5.28 14.88
C THR B 249 -3.36 -4.89 13.43
N ALA B 250 -2.86 -3.74 12.98
CA ALA B 250 -3.13 -3.25 11.63
C ALA B 250 -1.90 -3.27 10.74
N THR B 251 -0.77 -2.72 11.20
CA THR B 251 0.42 -2.65 10.35
C THR B 251 1.11 -3.99 10.20
N PHE B 252 0.98 -4.88 11.19
CA PHE B 252 1.58 -6.20 11.08
C PHE B 252 1.00 -7.01 9.93
N PRO B 253 -0.33 -7.06 9.72
CA PRO B 253 -0.84 -7.76 8.52
C PRO B 253 -0.37 -7.13 7.22
N PHE B 254 -0.50 -5.81 7.08
CA PHE B 254 -0.18 -5.16 5.81
C PHE B 254 1.30 -5.29 5.45
N ALA B 255 2.18 -5.23 6.46
CA ALA B 255 3.62 -5.31 6.19
C ALA B 255 3.98 -6.68 5.61
N MET B 256 3.46 -7.75 6.20
CA MET B 256 3.91 -9.09 5.81
C MET B 256 3.32 -9.54 4.49
N LEU B 257 2.07 -9.16 4.20
CA LEU B 257 1.52 -9.47 2.88
C LEU B 257 2.36 -8.84 1.79
N LEU B 258 2.91 -7.65 2.05
CA LEU B 258 3.93 -7.09 1.18
C LEU B 258 5.19 -7.94 1.21
N VAL B 259 5.60 -8.40 2.39
CA VAL B 259 6.78 -9.26 2.50
C VAL B 259 6.59 -10.53 1.69
N LEU B 260 5.42 -11.16 1.83
CA LEU B 260 5.10 -12.32 1.00
C LEU B 260 5.03 -11.93 -0.47
N LEU B 261 4.47 -10.75 -0.76
CA LEU B 261 4.40 -10.28 -2.13
C LEU B 261 5.78 -10.06 -2.72
N VAL B 262 6.70 -9.52 -1.92
CA VAL B 262 8.02 -9.16 -2.44
C VAL B 262 8.77 -10.39 -2.95
N ARG B 263 8.87 -11.43 -2.11
CA ARG B 263 9.54 -12.64 -2.56
C ARG B 263 8.64 -13.45 -3.49
N GLY B 264 7.34 -13.44 -3.25
CA GLY B 264 6.42 -14.17 -4.11
C GLY B 264 6.53 -13.73 -5.56
N LEU B 265 6.56 -12.41 -5.79
CA LEU B 265 6.83 -11.91 -7.13
C LEU B 265 8.26 -12.19 -7.55
N THR B 266 9.20 -12.20 -6.60
CA THR B 266 10.59 -12.47 -6.92
C THR B 266 10.81 -13.91 -7.38
N LEU B 267 9.89 -14.81 -7.04
CA LEU B 267 10.04 -16.20 -7.42
C LEU B 267 10.09 -16.34 -8.94
N PRO B 268 10.93 -17.23 -9.47
CA PRO B 268 11.08 -17.31 -10.94
C PRO B 268 9.81 -17.67 -11.67
N GLY B 269 8.87 -18.34 -11.03
CA GLY B 269 7.63 -18.73 -11.66
C GLY B 269 6.51 -17.72 -11.56
N ALA B 270 6.80 -16.51 -11.09
CA ALA B 270 5.76 -15.50 -10.95
C ALA B 270 5.14 -15.12 -12.28
N GLY B 271 5.90 -15.22 -13.37
CA GLY B 271 5.37 -14.84 -14.67
C GLY B 271 4.20 -15.70 -15.09
N ALA B 272 4.31 -17.02 -14.89
CA ALA B 272 3.20 -17.92 -15.22
C ALA B 272 2.00 -17.65 -14.31
N GLY B 273 2.25 -17.39 -13.02
CA GLY B 273 1.15 -17.19 -12.10
C GLY B 273 0.36 -15.93 -12.38
N ILE B 274 1.05 -14.82 -12.64
CA ILE B 274 0.35 -13.56 -12.91
C ILE B 274 -0.45 -13.66 -14.20
N LYS B 275 0.13 -14.27 -15.23
CA LYS B 275 -0.59 -14.46 -16.48
C LYS B 275 -1.85 -15.32 -16.26
N PHE B 276 -1.72 -16.39 -15.48
CA PHE B 276 -2.89 -17.19 -15.14
C PHE B 276 -3.82 -16.44 -14.22
N TYR B 277 -3.28 -15.57 -13.36
CA TYR B 277 -4.12 -14.78 -12.46
C TYR B 277 -4.94 -13.74 -13.22
N LEU B 278 -4.36 -13.13 -14.26
CA LEU B 278 -4.97 -11.99 -14.93
C LEU B 278 -5.71 -12.36 -16.21
N TYR B 279 -5.09 -13.15 -17.08
CA TYR B 279 -5.69 -13.45 -18.38
C TYR B 279 -6.90 -14.36 -18.21
N PRO B 280 -8.06 -14.00 -18.74
CA PRO B 280 -9.28 -14.77 -18.52
C PRO B 280 -9.53 -15.82 -19.60
N ASP B 281 -10.57 -16.62 -19.37
CA ASP B 281 -11.08 -17.56 -20.35
C ASP B 281 -12.57 -17.32 -20.51
N ILE B 282 -13.01 -17.07 -21.75
CA ILE B 282 -14.43 -16.84 -22.00
C ILE B 282 -15.23 -18.13 -21.80
N THR B 283 -14.61 -19.29 -22.07
CA THR B 283 -15.32 -20.55 -21.94
C THR B 283 -15.78 -20.79 -20.51
N ARG B 284 -14.94 -20.47 -19.54
CA ARG B 284 -15.34 -20.63 -18.13
C ARG B 284 -16.48 -19.70 -17.77
N LEU B 285 -16.61 -18.56 -18.45
CA LEU B 285 -17.68 -17.62 -18.13
C LEU B 285 -19.05 -18.21 -18.43
N GLU B 286 -19.15 -19.10 -19.41
CA GLU B 286 -20.43 -19.72 -19.72
C GLU B 286 -20.93 -20.58 -18.58
N ASP B 287 -20.04 -21.34 -17.95
CA ASP B 287 -20.43 -22.23 -16.86
C ASP B 287 -20.71 -21.39 -15.62
N PRO B 288 -21.93 -21.43 -15.07
CA PRO B 288 -22.35 -20.40 -14.11
C PRO B 288 -21.61 -20.40 -12.77
N GLN B 289 -20.93 -21.48 -12.39
CA GLN B 289 -20.38 -21.54 -11.03
C GLN B 289 -19.32 -20.46 -10.80
N VAL B 290 -18.67 -20.00 -11.86
CA VAL B 290 -17.71 -18.90 -11.71
C VAL B 290 -18.43 -17.63 -11.31
N TRP B 291 -19.66 -17.43 -11.80
CA TRP B 291 -20.40 -16.22 -11.47
C TRP B 291 -20.83 -16.22 -10.02
N ILE B 292 -21.41 -17.33 -9.55
CA ILE B 292 -21.89 -17.38 -8.17
C ILE B 292 -20.73 -17.28 -7.19
N ASP B 293 -19.60 -17.94 -7.50
CA ASP B 293 -18.44 -17.87 -6.63
C ASP B 293 -17.88 -16.44 -6.56
N ALA B 294 -17.82 -15.76 -7.71
CA ALA B 294 -17.33 -14.39 -7.72
C ALA B 294 -18.24 -13.47 -6.92
N GLY B 295 -19.56 -13.62 -7.08
CA GLY B 295 -20.48 -12.81 -6.30
C GLY B 295 -20.38 -13.11 -4.81
N THR B 296 -20.38 -14.40 -4.46
CA THR B 296 -20.34 -14.77 -3.04
C THR B 296 -19.05 -14.33 -2.37
N GLN B 297 -17.95 -14.29 -3.13
CA GLN B 297 -16.71 -13.73 -2.57
C GLN B 297 -16.90 -12.28 -2.17
N ILE B 298 -17.69 -11.54 -2.94
CA ILE B 298 -18.04 -10.17 -2.56
C ILE B 298 -18.85 -10.17 -1.27
N PHE B 299 -19.86 -11.04 -1.19
CA PHE B 299 -20.65 -11.10 0.03
C PHE B 299 -19.92 -11.76 1.17
N PHE B 300 -18.75 -12.36 0.91
CA PHE B 300 -17.97 -13.01 1.96
C PHE B 300 -16.89 -12.10 2.52
N SER B 301 -16.03 -11.56 1.64
CA SER B 301 -14.91 -10.76 2.11
C SER B 301 -15.38 -9.51 2.84
N TYR B 302 -16.43 -8.87 2.34
CA TYR B 302 -16.98 -7.69 3.00
C TYR B 302 -17.94 -8.05 4.13
N ALA B 303 -18.17 -9.35 4.38
CA ALA B 303 -18.99 -9.81 5.49
C ALA B 303 -20.37 -9.16 5.48
N ILE B 304 -20.99 -9.09 4.31
CA ILE B 304 -22.25 -8.41 4.14
C ILE B 304 -23.38 -9.43 4.05
N CYS B 305 -24.59 -8.99 4.37
CA CYS B 305 -25.76 -9.84 4.57
C CYS B 305 -25.60 -10.75 5.78
N LEU B 306 -24.80 -10.30 6.76
CA LEU B 306 -24.64 -10.99 8.02
C LEU B 306 -25.29 -10.27 9.20
N GLY B 307 -25.53 -8.97 9.10
CA GLY B 307 -26.09 -8.21 10.19
C GLY B 307 -25.06 -7.63 11.15
N ALA B 308 -23.82 -8.11 11.11
CA ALA B 308 -22.78 -7.53 11.96
C ALA B 308 -22.46 -6.10 11.53
N MET B 309 -22.44 -5.84 10.22
CA MET B 309 -22.15 -4.49 9.74
C MET B 309 -23.30 -3.55 10.02
N THR B 310 -24.51 -4.09 10.22
CA THR B 310 -25.64 -3.25 10.61
C THR B 310 -25.40 -2.59 11.96
N SER B 311 -24.81 -3.34 12.91
CA SER B 311 -24.43 -2.75 14.18
C SER B 311 -23.39 -1.64 13.99
N LEU B 312 -22.57 -1.74 12.96
CA LEU B 312 -21.62 -0.66 12.66
C LEU B 312 -22.35 0.62 12.30
N GLY B 313 -23.42 0.53 11.51
CA GLY B 313 -24.19 1.71 11.18
C GLY B 313 -24.78 2.38 12.39
N SER B 314 -25.37 1.59 13.30
CA SER B 314 -25.91 2.15 14.54
C SER B 314 -24.81 2.80 15.38
N TYR B 315 -23.58 2.29 15.29
CA TYR B 315 -22.48 2.91 16.02
C TYR B 315 -22.12 4.28 15.45
N ASN B 316 -22.19 4.42 14.13
CA ASN B 316 -21.89 5.70 13.50
C ASN B 316 -22.93 6.75 13.89
N LYS B 317 -22.49 8.01 13.97
CA LYS B 317 -23.38 9.09 14.34
C LYS B 317 -24.48 9.26 13.29
N TYR B 318 -25.69 9.61 13.76
CA TYR B 318 -26.80 9.81 12.85
C TYR B 318 -26.49 10.88 11.82
N LYS B 319 -25.86 11.98 12.23
CA LYS B 319 -25.41 13.04 11.33
C LYS B 319 -23.91 12.84 11.12
N TYR B 320 -23.56 11.96 10.18
CA TYR B 320 -22.16 11.65 9.93
C TYR B 320 -22.02 11.10 8.52
N ASN B 321 -20.98 11.56 7.81
CA ASN B 321 -20.75 11.17 6.43
C ASN B 321 -20.05 9.81 6.40
N SER B 322 -20.84 8.76 6.30
CA SER B 322 -20.32 7.40 6.19
C SER B 322 -20.08 6.96 4.76
N TYR B 323 -20.50 7.76 3.77
CA TYR B 323 -20.37 7.35 2.38
C TYR B 323 -18.92 7.17 1.98
N ARG B 324 -18.07 8.11 2.37
CA ARG B 324 -16.65 8.01 2.05
C ARG B 324 -16.00 6.82 2.74
N ASP B 325 -16.37 6.58 4.00
CA ASP B 325 -15.80 5.44 4.73
C ASP B 325 -16.14 4.12 4.07
N CYS B 326 -17.30 4.03 3.42
CA CYS B 326 -17.70 2.78 2.76
C CYS B 326 -16.80 2.48 1.58
N MET B 327 -16.61 3.45 0.68
CA MET B 327 -15.87 3.19 -0.55
C MET B 327 -14.37 3.19 -0.34
N LEU B 328 -13.85 4.01 0.59
CA LEU B 328 -12.43 3.97 0.89
C LEU B 328 -12.02 2.63 1.48
N LEU B 329 -12.82 2.12 2.41
CA LEU B 329 -12.53 0.80 2.97
C LEU B 329 -12.90 -0.31 2.01
N GLY B 330 -13.98 -0.14 1.24
CA GLY B 330 -14.39 -1.17 0.31
C GLY B 330 -13.38 -1.40 -0.79
N CYS B 331 -12.86 -0.32 -1.37
CA CYS B 331 -11.87 -0.45 -2.43
C CYS B 331 -10.58 -1.06 -1.89
N LEU B 332 -10.17 -0.66 -0.68
CA LEU B 332 -8.98 -1.25 -0.09
C LEU B 332 -9.16 -2.74 0.18
N ASN B 333 -10.34 -3.14 0.66
CA ASN B 333 -10.60 -4.55 0.91
C ASN B 333 -10.45 -5.37 -0.36
N SER B 334 -10.99 -4.87 -1.47
CA SER B 334 -10.73 -5.50 -2.76
C SER B 334 -9.27 -5.37 -3.17
N GLY B 335 -8.65 -4.24 -2.86
CA GLY B 335 -7.25 -4.05 -3.22
C GLY B 335 -6.33 -5.02 -2.51
N THR B 336 -6.52 -5.17 -1.19
CA THR B 336 -5.72 -6.13 -0.44
C THR B 336 -5.97 -7.55 -0.93
N SER B 337 -7.23 -7.89 -1.21
CA SER B 337 -7.54 -9.19 -1.77
C SER B 337 -6.85 -9.38 -3.12
N PHE B 338 -6.95 -8.37 -3.99
CA PHE B 338 -6.29 -8.45 -5.29
C PHE B 338 -4.78 -8.52 -5.14
N VAL B 339 -4.22 -7.69 -4.25
CA VAL B 339 -2.77 -7.71 -4.03
C VAL B 339 -2.33 -9.06 -3.50
N SER B 340 -3.08 -9.60 -2.53
CA SER B 340 -2.77 -10.93 -2.02
C SER B 340 -2.86 -11.98 -3.12
N GLY B 341 -3.71 -11.75 -4.12
CA GLY B 341 -3.79 -12.68 -5.23
C GLY B 341 -2.50 -12.76 -6.02
N PHE B 342 -1.82 -11.63 -6.19
CA PHE B 342 -0.53 -11.65 -6.89
C PHE B 342 0.48 -12.52 -6.18
N ALA B 343 0.57 -12.40 -4.86
CA ALA B 343 1.58 -13.13 -4.10
C ALA B 343 1.34 -14.63 -4.17
N ILE B 344 0.11 -15.07 -3.87
CA ILE B 344 -0.17 -16.49 -3.79
C ILE B 344 -0.10 -17.14 -5.17
N PHE B 345 -0.63 -16.48 -6.20
CA PHE B 345 -0.62 -17.08 -7.53
C PHE B 345 0.77 -17.12 -8.12
N SER B 346 1.62 -16.14 -7.78
CA SER B 346 3.03 -16.23 -8.13
C SER B 346 3.68 -17.43 -7.45
N ILE B 347 3.34 -17.66 -6.17
CA ILE B 347 3.78 -18.88 -5.50
C ILE B 347 3.24 -20.10 -6.20
N LEU B 348 1.96 -20.06 -6.57
CA LEU B 348 1.39 -21.15 -7.36
C LEU B 348 2.10 -21.28 -8.70
N GLY B 349 2.38 -20.14 -9.35
CA GLY B 349 3.17 -20.17 -10.56
C GLY B 349 4.59 -20.65 -10.32
N PHE B 350 5.17 -20.30 -9.17
CA PHE B 350 6.52 -20.76 -8.85
C PHE B 350 6.58 -22.26 -8.72
N MET B 351 5.62 -22.85 -8.01
CA MET B 351 5.55 -24.30 -7.91
C MET B 351 5.06 -24.93 -9.20
N ALA B 352 4.39 -24.15 -10.07
CA ALA B 352 3.85 -24.72 -11.30
C ALA B 352 4.95 -25.10 -12.28
N GLN B 353 5.91 -24.20 -12.52
CA GLN B 353 6.97 -24.52 -13.46
C GLN B 353 7.93 -25.56 -12.91
N GLU B 354 7.99 -25.70 -11.59
CA GLU B 354 9.06 -26.44 -10.94
C GLU B 354 8.64 -27.83 -10.49
N GLN B 355 7.35 -28.16 -10.53
CA GLN B 355 6.94 -29.56 -10.50
C GLN B 355 6.65 -30.11 -11.88
N GLY B 356 6.60 -29.27 -12.91
CA GLY B 356 6.25 -29.74 -14.22
C GLY B 356 4.79 -30.03 -14.41
N VAL B 357 3.95 -29.57 -13.48
CA VAL B 357 2.50 -29.82 -13.52
C VAL B 357 1.81 -28.51 -13.85
N ASP B 358 0.72 -28.59 -14.62
CA ASP B 358 -0.03 -27.42 -15.01
C ASP B 358 -0.52 -26.62 -13.80
N ILE B 359 -0.76 -25.32 -13.99
CA ILE B 359 -1.19 -24.45 -12.90
C ILE B 359 -2.53 -24.90 -12.33
N ALA B 360 -3.37 -25.50 -13.17
CA ALA B 360 -4.69 -25.92 -12.71
C ALA B 360 -4.61 -27.01 -11.64
N ASP B 361 -3.71 -27.97 -11.81
CA ASP B 361 -3.59 -29.09 -10.88
C ASP B 361 -2.30 -29.07 -10.07
N VAL B 362 -1.51 -28.00 -10.14
CA VAL B 362 -0.29 -27.94 -9.34
C VAL B 362 -0.63 -27.84 -7.85
N ALA B 363 -1.74 -27.20 -7.51
CA ALA B 363 -2.20 -27.08 -6.14
C ALA B 363 -3.36 -28.03 -5.89
N GLU B 364 -3.76 -28.11 -4.62
CA GLU B 364 -4.88 -28.96 -4.21
C GLU B 364 -6.14 -28.10 -4.19
N SER B 365 -7.13 -28.50 -4.98
CA SER B 365 -8.34 -27.70 -5.14
C SER B 365 -9.30 -27.92 -3.98
N GLY B 366 -8.82 -27.73 -2.76
CA GLY B 366 -9.64 -27.81 -1.58
C GLY B 366 -9.37 -26.64 -0.66
N PRO B 367 -10.36 -26.26 0.14
CA PRO B 367 -10.14 -25.18 1.11
C PRO B 367 -8.95 -25.49 2.02
N GLY B 368 -8.15 -24.46 2.27
CA GLY B 368 -6.84 -24.64 2.86
C GLY B 368 -5.68 -24.32 1.94
N LEU B 369 -5.94 -23.66 0.81
CA LEU B 369 -4.87 -23.31 -0.12
C LEU B 369 -3.88 -22.36 0.53
N ALA B 370 -4.38 -21.41 1.32
CA ALA B 370 -3.49 -20.51 2.05
C ALA B 370 -2.65 -21.25 3.10
N PHE B 371 -3.03 -22.48 3.44
CA PHE B 371 -2.23 -23.32 4.32
C PHE B 371 -1.18 -24.13 3.59
N ILE B 372 -1.05 -23.92 2.27
CA ILE B 372 -0.10 -24.66 1.44
C ILE B 372 0.88 -23.71 0.74
N ALA B 373 0.35 -22.66 0.10
CA ALA B 373 1.19 -21.78 -0.71
C ALA B 373 2.12 -20.94 0.17
N TYR B 374 1.56 -20.12 1.05
CA TYR B 374 2.41 -19.30 1.92
C TYR B 374 3.33 -20.13 2.82
N PRO B 375 2.89 -21.22 3.45
CA PRO B 375 3.85 -22.06 4.18
C PRO B 375 4.97 -22.58 3.31
N LYS B 376 4.72 -22.81 2.01
CA LYS B 376 5.82 -23.11 1.11
C LYS B 376 6.75 -21.91 0.97
N ALA B 377 6.20 -20.70 0.83
CA ALA B 377 7.02 -19.52 0.59
C ALA B 377 7.96 -19.27 1.76
N VAL B 378 7.47 -19.41 2.99
CA VAL B 378 8.30 -19.12 4.15
C VAL B 378 9.46 -20.11 4.26
N THR B 379 9.25 -21.37 3.86
CA THR B 379 10.36 -22.32 3.81
C THR B 379 11.40 -21.89 2.77
N MET B 380 10.94 -21.43 1.61
CA MET B 380 11.88 -20.91 0.61
C MET B 380 12.49 -19.58 1.06
N MET B 381 11.76 -18.82 1.86
CA MET B 381 12.27 -17.54 2.36
C MET B 381 13.32 -17.78 3.45
N PRO B 382 14.45 -17.09 3.40
CA PRO B 382 15.54 -17.38 4.34
C PRO B 382 15.12 -17.17 5.79
N LEU B 383 15.71 -17.98 6.68
CA LEU B 383 15.34 -18.08 8.08
C LEU B 383 13.86 -18.45 8.16
N PRO B 384 13.51 -19.67 7.73
CA PRO B 384 12.08 -20.01 7.64
C PRO B 384 11.35 -20.02 8.97
N THR B 385 12.03 -20.39 10.06
CA THR B 385 11.36 -20.53 11.34
C THR B 385 10.80 -19.19 11.81
N PHE B 386 11.60 -18.12 11.70
CA PHE B 386 11.15 -16.81 12.14
C PHE B 386 9.96 -16.32 11.31
N TRP B 387 10.02 -16.51 10.00
CA TRP B 387 8.93 -16.03 9.15
C TRP B 387 7.70 -16.93 9.25
N SER B 388 7.91 -18.23 9.47
CA SER B 388 6.77 -19.14 9.59
C SER B 388 5.90 -18.78 10.79
N ILE B 389 6.52 -18.46 11.93
CA ILE B 389 5.75 -18.11 13.11
C ILE B 389 4.94 -16.85 12.86
N LEU B 390 5.58 -15.81 12.32
CA LEU B 390 4.94 -14.51 12.19
C LEU B 390 3.72 -14.57 11.27
N PHE B 391 3.85 -15.26 10.13
CA PHE B 391 2.70 -15.43 9.26
C PHE B 391 1.63 -16.27 9.93
N PHE B 392 2.03 -17.23 10.76
CA PHE B 392 1.06 -18.05 11.47
C PHE B 392 0.42 -17.29 12.62
N ILE B 393 1.11 -16.29 13.17
CA ILE B 393 0.51 -15.43 14.18
C ILE B 393 -0.58 -14.56 13.56
N MET B 394 -0.28 -13.92 12.43
CA MET B 394 -1.22 -12.94 11.89
C MET B 394 -2.50 -13.61 11.38
N LEU B 395 -2.40 -14.85 10.91
CA LEU B 395 -3.61 -15.57 10.51
C LEU B 395 -4.62 -15.60 11.65
N LEU B 396 -4.14 -15.76 12.89
CA LEU B 396 -5.01 -15.56 14.04
C LEU B 396 -5.38 -14.09 14.19
N LEU B 397 -4.40 -13.19 14.02
CA LEU B 397 -4.66 -11.77 14.17
C LEU B 397 -5.65 -11.27 13.13
N LEU B 398 -5.64 -11.86 11.93
CA LEU B 398 -6.66 -11.53 10.95
C LEU B 398 -7.99 -12.21 11.21
N GLY B 399 -7.99 -13.31 11.96
CA GLY B 399 -9.19 -14.08 12.15
C GLY B 399 -9.89 -13.85 13.47
N LEU B 400 -9.12 -13.73 14.55
CA LEU B 400 -9.72 -13.54 15.87
C LEU B 400 -10.51 -12.25 15.93
N ASP B 401 -9.93 -11.15 15.44
CA ASP B 401 -10.66 -9.88 15.43
C ASP B 401 -11.92 -10.00 14.59
N SER B 402 -11.83 -10.69 13.45
CA SER B 402 -13.02 -11.01 12.67
C SER B 402 -13.98 -11.84 13.51
N GLN B 403 -13.46 -12.87 14.18
CA GLN B 403 -14.30 -13.70 15.03
C GLN B 403 -14.90 -12.89 16.18
N PHE B 404 -14.08 -12.03 16.80
CA PHE B 404 -14.55 -11.29 17.97
C PHE B 404 -15.74 -10.42 17.61
N VAL B 405 -15.68 -9.71 16.48
CA VAL B 405 -16.76 -8.81 16.10
C VAL B 405 -17.98 -9.61 15.67
N GLU B 406 -17.80 -10.65 14.85
CA GLU B 406 -18.95 -11.33 14.28
C GLU B 406 -19.67 -12.19 15.30
N VAL B 407 -18.93 -12.88 16.19
CA VAL B 407 -19.58 -13.76 17.16
C VAL B 407 -20.44 -12.95 18.12
N GLU B 408 -19.93 -11.83 18.62
CA GLU B 408 -20.77 -10.96 19.43
C GLU B 408 -21.88 -10.32 18.60
N GLY B 409 -21.77 -10.38 17.27
CA GLY B 409 -22.80 -9.78 16.44
C GLY B 409 -24.16 -10.41 16.68
N GLN B 410 -24.23 -11.74 16.68
CA GLN B 410 -25.49 -12.39 17.02
C GLN B 410 -25.77 -12.35 18.51
N ILE B 411 -24.72 -12.27 19.34
CA ILE B 411 -24.93 -12.23 20.79
C ILE B 411 -25.71 -10.99 21.17
N THR B 412 -25.28 -9.83 20.67
CA THR B 412 -26.08 -8.62 20.83
C THR B 412 -27.38 -8.69 20.06
N SER B 413 -27.41 -9.50 18.99
CA SER B 413 -28.63 -9.70 18.24
C SER B 413 -29.60 -10.62 18.96
N LEU B 414 -29.09 -11.57 19.75
CA LEU B 414 -29.93 -12.53 20.45
C LEU B 414 -30.34 -12.07 21.85
N VAL B 415 -29.54 -11.21 22.49
CA VAL B 415 -29.88 -10.78 23.85
C VAL B 415 -31.18 -9.97 23.84
N ASP B 416 -31.34 -9.07 22.88
CA ASP B 416 -32.56 -8.30 22.74
C ASP B 416 -33.64 -9.03 21.96
N LEU B 417 -33.29 -10.09 21.25
CA LEU B 417 -34.29 -10.87 20.52
C LEU B 417 -35.20 -11.63 21.49
N TYR B 418 -34.65 -12.11 22.61
CA TYR B 418 -35.38 -12.89 23.59
C TYR B 418 -35.18 -12.24 24.96
N PRO B 419 -35.87 -11.13 25.23
CA PRO B 419 -35.69 -10.45 26.52
C PRO B 419 -36.36 -11.20 27.66
N SER B 420 -36.27 -10.67 28.88
CA SER B 420 -36.82 -11.22 30.12
C SER B 420 -36.10 -12.50 30.54
N PHE B 421 -35.15 -12.99 29.75
CA PHE B 421 -34.37 -14.17 30.11
C PHE B 421 -32.88 -14.01 29.83
N LEU B 422 -32.47 -12.99 29.10
CA LEU B 422 -31.08 -12.75 28.75
C LEU B 422 -30.58 -11.45 29.38
N ARG B 423 -30.92 -11.21 30.64
CA ARG B 423 -30.55 -9.98 31.30
C ARG B 423 -29.04 -9.88 31.47
N LYS B 424 -28.54 -8.65 31.50
CA LYS B 424 -27.11 -8.39 31.66
C LYS B 424 -26.68 -8.84 33.05
N GLY B 425 -25.84 -9.86 33.12
CA GLY B 425 -25.37 -10.37 34.39
C GLY B 425 -25.18 -11.87 34.45
N TYR B 426 -25.86 -12.52 35.39
CA TYR B 426 -25.76 -13.97 35.51
C TYR B 426 -26.30 -14.67 34.25
N ARG B 427 -27.40 -14.15 33.70
CA ARG B 427 -28.03 -14.81 32.57
C ARG B 427 -27.17 -14.76 31.32
N ARG B 428 -26.41 -13.68 31.14
CA ARG B 428 -25.63 -13.55 29.90
C ARG B 428 -24.37 -14.42 29.93
N GLU B 429 -23.78 -14.60 31.12
CA GLU B 429 -22.51 -15.33 31.19
C GLU B 429 -22.69 -16.80 30.81
N ILE B 430 -23.79 -17.41 31.25
CA ILE B 430 -24.06 -18.78 30.84
C ILE B 430 -24.39 -18.86 29.36
N PHE B 431 -25.08 -17.84 28.83
CA PHE B 431 -25.43 -17.81 27.42
C PHE B 431 -24.19 -17.78 26.53
N ILE B 432 -23.21 -16.97 26.91
CA ILE B 432 -21.95 -16.95 26.17
C ILE B 432 -21.28 -18.32 26.23
N ALA B 433 -21.28 -18.93 27.41
CA ALA B 433 -20.81 -20.31 27.52
C ALA B 433 -21.71 -21.25 26.75
N PHE B 434 -23.02 -21.03 26.79
CA PHE B 434 -23.96 -21.91 26.09
C PHE B 434 -23.75 -21.86 24.59
N VAL B 435 -23.61 -20.65 24.04
CA VAL B 435 -23.47 -20.51 22.59
C VAL B 435 -22.13 -21.07 22.14
N CYS B 436 -21.07 -20.86 22.94
CA CYS B 436 -19.77 -21.41 22.57
C CYS B 436 -19.75 -22.93 22.64
N SER B 437 -20.37 -23.50 23.67
CA SER B 437 -20.35 -24.95 23.85
C SER B 437 -21.10 -25.66 22.73
N ILE B 438 -22.31 -25.19 22.40
CA ILE B 438 -23.09 -25.83 21.35
C ILE B 438 -22.40 -25.66 20.00
N SER B 439 -21.75 -24.52 19.78
CA SER B 439 -20.98 -24.34 18.55
C SER B 439 -19.70 -25.16 18.57
N TYR B 440 -19.10 -25.35 19.75
CA TYR B 440 -17.91 -26.19 19.84
C TYR B 440 -18.23 -27.63 19.45
N LEU B 441 -19.34 -28.17 19.95
CA LEU B 441 -19.74 -29.52 19.57
C LEU B 441 -20.01 -29.62 18.08
N LEU B 442 -20.70 -28.62 17.52
CA LEU B 442 -20.90 -28.59 16.07
C LEU B 442 -19.58 -28.38 15.34
N GLY B 443 -18.61 -27.73 15.98
CA GLY B 443 -17.30 -27.58 15.39
C GLY B 443 -16.45 -28.83 15.45
N LEU B 444 -16.83 -29.80 16.28
CA LEU B 444 -16.10 -31.05 16.37
C LEU B 444 -16.29 -31.95 15.17
N THR B 445 -17.28 -31.66 14.32
CA THR B 445 -17.47 -32.44 13.10
C THR B 445 -16.24 -32.34 12.20
N MET B 446 -15.66 -31.15 12.09
CA MET B 446 -14.46 -30.96 11.29
C MET B 446 -13.22 -31.55 11.93
N VAL B 447 -13.20 -31.68 13.26
CA VAL B 447 -12.06 -32.29 13.92
C VAL B 447 -11.93 -33.75 13.54
N THR B 448 -13.05 -34.37 13.12
CA THR B 448 -13.00 -35.75 12.64
C THR B 448 -12.18 -35.83 11.36
N GLU B 449 -11.58 -37.00 11.13
CA GLU B 449 -10.71 -37.18 9.97
C GLU B 449 -11.46 -36.90 8.66
N GLY B 450 -12.74 -37.25 8.61
CA GLY B 450 -13.58 -36.97 7.46
C GLY B 450 -14.27 -35.62 7.48
N GLY B 451 -13.96 -34.76 8.44
CA GLY B 451 -14.62 -33.48 8.58
C GLY B 451 -14.27 -32.45 7.54
N MET B 452 -13.23 -32.69 6.74
CA MET B 452 -12.91 -31.78 5.65
C MET B 452 -14.03 -31.79 4.61
N TYR B 453 -14.59 -32.96 4.33
CA TYR B 453 -15.75 -33.03 3.44
C TYR B 453 -16.95 -32.31 4.04
N VAL B 454 -17.15 -32.41 5.35
CA VAL B 454 -18.16 -31.61 6.03
C VAL B 454 -17.81 -30.13 5.92
N PHE B 455 -16.52 -29.81 6.02
CA PHE B 455 -16.10 -28.42 5.98
C PHE B 455 -16.48 -27.75 4.68
N GLN B 456 -16.31 -28.44 3.56
CA GLN B 456 -16.66 -27.86 2.27
C GLN B 456 -18.15 -27.59 2.19
N LEU B 457 -18.96 -28.40 2.87
CA LEU B 457 -20.41 -28.23 2.80
C LEU B 457 -20.85 -26.89 3.38
N PHE B 458 -20.33 -26.53 4.56
CA PHE B 458 -20.62 -25.21 5.09
C PHE B 458 -20.08 -24.11 4.19
N ASP B 459 -18.85 -24.28 3.69
CA ASP B 459 -18.20 -23.20 2.95
C ASP B 459 -18.96 -22.87 1.67
N TYR B 460 -19.50 -23.88 1.00
CA TYR B 460 -20.16 -23.65 -0.28
C TYR B 460 -21.65 -23.43 -0.15
N TYR B 461 -22.27 -23.84 0.96
CA TYR B 461 -23.71 -23.76 1.13
C TYR B 461 -24.13 -22.90 2.31
N ALA B 462 -23.52 -23.10 3.49
CA ALA B 462 -24.00 -22.44 4.69
C ALA B 462 -23.82 -20.92 4.61
N ALA B 463 -22.67 -20.46 4.10
CA ALA B 463 -22.38 -19.03 4.07
C ALA B 463 -21.86 -18.59 2.71
N SER B 464 -22.30 -19.27 1.65
CA SER B 464 -21.95 -18.89 0.28
C SER B 464 -22.93 -19.55 -0.67
N GLY B 465 -22.62 -19.52 -1.96
CA GLY B 465 -23.51 -20.08 -2.95
C GLY B 465 -24.79 -19.28 -3.08
N VAL B 466 -25.90 -19.98 -3.32
CA VAL B 466 -27.19 -19.33 -3.45
C VAL B 466 -27.62 -18.68 -2.14
N CYS B 467 -27.01 -19.07 -1.03
CA CYS B 467 -27.43 -18.54 0.26
C CYS B 467 -27.24 -17.04 0.34
N LEU B 468 -26.10 -16.53 -0.11
CA LEU B 468 -25.86 -15.09 -0.07
C LEU B 468 -26.59 -14.36 -1.19
N LEU B 469 -26.75 -15.00 -2.34
CA LEU B 469 -27.46 -14.36 -3.44
C LEU B 469 -28.92 -14.11 -3.09
N TRP B 470 -29.56 -15.09 -2.44
CA TRP B 470 -30.98 -14.97 -2.12
C TRP B 470 -31.23 -13.82 -1.15
N VAL B 471 -30.41 -13.72 -0.10
CA VAL B 471 -30.60 -12.66 0.88
C VAL B 471 -30.22 -11.31 0.28
N ALA B 472 -29.16 -11.27 -0.53
CA ALA B 472 -28.74 -10.01 -1.14
C ALA B 472 -29.83 -9.47 -2.07
N PHE B 473 -30.49 -10.35 -2.82
CA PHE B 473 -31.61 -9.93 -3.64
C PHE B 473 -32.70 -9.27 -2.81
N PHE B 474 -33.10 -9.93 -1.72
CA PHE B 474 -34.20 -9.41 -0.92
C PHE B 474 -33.81 -8.14 -0.17
N GLU B 475 -32.52 -7.90 0.04
CA GLU B 475 -32.08 -6.66 0.66
C GLU B 475 -32.31 -5.47 -0.28
N CYS B 476 -31.88 -5.60 -1.53
CA CYS B 476 -32.08 -4.53 -2.50
C CYS B 476 -33.50 -4.46 -3.01
N PHE B 477 -34.23 -5.57 -2.97
CA PHE B 477 -35.61 -5.59 -3.46
C PHE B 477 -36.52 -4.73 -2.58
N VAL B 478 -36.35 -4.82 -1.26
CA VAL B 478 -37.27 -4.13 -0.35
C VAL B 478 -37.06 -2.61 -0.43
N ILE B 479 -35.80 -2.17 -0.53
CA ILE B 479 -35.53 -0.73 -0.55
C ILE B 479 -35.99 -0.10 -1.85
N ALA B 480 -35.73 -0.76 -2.98
CA ALA B 480 -35.93 -0.12 -4.28
C ALA B 480 -37.41 0.03 -4.60
N TRP B 481 -38.21 -0.98 -4.32
CA TRP B 481 -39.62 -0.99 -4.71
C TRP B 481 -40.56 -0.67 -3.56
N ILE B 482 -40.43 -1.37 -2.43
CA ILE B 482 -41.33 -1.14 -1.31
C ILE B 482 -41.02 0.19 -0.64
N TYR B 483 -39.81 0.34 -0.12
CA TYR B 483 -39.47 1.58 0.58
C TYR B 483 -39.26 2.73 -0.38
N GLY B 484 -38.60 2.47 -1.52
CA GLY B 484 -38.30 3.52 -2.47
C GLY B 484 -36.89 4.05 -2.33
N GLY B 485 -36.09 3.94 -3.39
CA GLY B 485 -34.73 4.45 -3.35
C GLY B 485 -34.67 5.95 -3.14
N ASP B 486 -35.61 6.68 -3.75
CA ASP B 486 -35.66 8.13 -3.56
C ASP B 486 -35.94 8.50 -2.11
N ASN B 487 -36.84 7.75 -1.45
CA ASN B 487 -37.10 7.99 -0.03
C ASN B 487 -35.84 7.76 0.80
N LEU B 488 -35.08 6.71 0.47
CA LEU B 488 -33.82 6.46 1.17
C LEU B 488 -32.84 7.60 0.96
N TYR B 489 -32.70 8.06 -0.29
CA TYR B 489 -31.75 9.12 -0.59
C TYR B 489 -32.14 10.43 0.06
N ASP B 490 -33.44 10.64 0.28
CA ASP B 490 -33.89 11.86 0.94
C ASP B 490 -33.29 11.99 2.34
N GLY B 491 -33.26 10.89 3.08
CA GLY B 491 -32.56 10.91 4.35
C GLY B 491 -31.06 11.10 4.19
N ILE B 492 -30.47 10.37 3.23
CA ILE B 492 -29.02 10.37 3.07
C ILE B 492 -28.52 11.78 2.74
N GLU B 493 -29.29 12.53 1.94
CA GLU B 493 -28.94 13.93 1.70
C GLU B 493 -28.86 14.71 3.00
N ASP B 494 -29.76 14.42 3.94
CA ASP B 494 -29.73 15.05 5.25
C ASP B 494 -28.77 14.37 6.20
N MET B 495 -28.30 13.16 5.87
CA MET B 495 -27.39 12.44 6.77
C MET B 495 -25.94 12.83 6.51
N ILE B 496 -25.47 12.61 5.28
CA ILE B 496 -24.07 12.87 4.95
C ILE B 496 -23.84 14.28 4.41
N GLY B 497 -24.91 15.05 4.20
CA GLY B 497 -24.79 16.42 3.78
C GLY B 497 -25.02 16.66 2.30
N TYR B 498 -25.00 15.62 1.48
CA TYR B 498 -25.19 15.77 0.05
C TYR B 498 -25.74 14.49 -0.54
N ARG B 499 -26.26 14.60 -1.75
CA ARG B 499 -26.93 13.46 -2.39
C ARG B 499 -25.90 12.46 -2.90
N PRO B 500 -26.02 11.19 -2.55
CA PRO B 500 -25.18 10.17 -3.17
C PRO B 500 -25.58 9.96 -4.64
N GLY B 501 -24.62 9.46 -5.41
CA GLY B 501 -24.81 9.26 -6.83
C GLY B 501 -25.94 8.31 -7.15
N PRO B 502 -26.82 8.70 -8.08
CA PRO B 502 -27.91 7.83 -8.51
C PRO B 502 -27.47 6.44 -8.98
N TRP B 503 -26.16 6.19 -9.16
CA TRP B 503 -25.74 4.94 -9.79
C TRP B 503 -26.09 3.73 -8.92
N MET B 504 -25.91 3.83 -7.60
CA MET B 504 -26.29 2.70 -6.75
C MET B 504 -27.80 2.57 -6.65
N LYS B 505 -28.55 3.65 -6.85
CA LYS B 505 -30.02 3.54 -6.86
C LYS B 505 -30.48 2.64 -8.00
N TYR B 506 -29.91 2.83 -9.19
CA TYR B 506 -30.20 1.93 -10.30
C TYR B 506 -29.66 0.53 -10.02
N SER B 507 -28.49 0.46 -9.38
CA SER B 507 -27.92 -0.84 -9.03
C SER B 507 -28.87 -1.64 -8.16
N TRP B 508 -29.43 -1.01 -7.12
CA TRP B 508 -30.43 -1.67 -6.30
C TRP B 508 -31.72 -1.92 -7.08
N ALA B 509 -31.91 -1.19 -8.18
CA ALA B 509 -33.16 -1.28 -8.93
C ALA B 509 -33.16 -2.45 -9.91
N VAL B 510 -32.19 -2.48 -10.83
CA VAL B 510 -32.16 -3.47 -11.90
C VAL B 510 -30.86 -4.27 -11.92
N ILE B 511 -29.71 -3.60 -11.73
CA ILE B 511 -28.43 -4.28 -11.87
C ILE B 511 -28.30 -5.41 -10.85
N THR B 512 -28.29 -5.06 -9.56
CA THR B 512 -28.18 -6.10 -8.54
C THR B 512 -29.30 -7.11 -8.57
N PRO B 513 -30.59 -6.73 -8.70
CA PRO B 513 -31.62 -7.76 -8.82
C PRO B 513 -31.41 -8.71 -9.99
N VAL B 514 -30.95 -8.19 -11.13
CA VAL B 514 -30.66 -9.08 -12.26
C VAL B 514 -29.43 -9.92 -11.97
N LEU B 515 -28.42 -9.34 -11.31
CA LEU B 515 -27.22 -10.09 -10.98
C LEU B 515 -27.54 -11.26 -10.06
N CYS B 516 -28.38 -11.04 -9.05
CA CYS B 516 -28.76 -12.12 -8.14
C CYS B 516 -29.67 -13.14 -8.84
N VAL B 517 -30.69 -12.65 -9.54
CA VAL B 517 -31.65 -13.54 -10.19
C VAL B 517 -30.96 -14.33 -11.31
N GLY B 518 -30.14 -13.65 -12.11
CA GLY B 518 -29.55 -14.30 -13.28
C GLY B 518 -28.76 -15.53 -12.92
N CYS B 519 -27.90 -15.43 -11.90
CA CYS B 519 -27.10 -16.57 -11.49
C CYS B 519 -27.94 -17.70 -10.90
N PHE B 520 -29.07 -17.35 -10.29
CA PHE B 520 -29.88 -18.37 -9.62
C PHE B 520 -30.45 -19.37 -10.61
N ILE B 521 -31.11 -18.89 -11.67
CA ILE B 521 -31.67 -19.80 -12.67
C ILE B 521 -30.56 -20.47 -13.47
N PHE B 522 -29.48 -19.74 -13.74
CA PHE B 522 -28.32 -20.36 -14.40
C PHE B 522 -27.82 -21.55 -13.60
N SER B 523 -27.86 -21.44 -12.27
CA SER B 523 -27.53 -22.60 -11.43
C SER B 523 -28.62 -23.66 -11.51
N LEU B 524 -29.88 -23.24 -11.62
CA LEU B 524 -30.98 -24.20 -11.67
C LEU B 524 -30.91 -25.07 -12.91
N VAL B 525 -30.83 -24.45 -14.09
CA VAL B 525 -30.83 -25.22 -15.33
C VAL B 525 -29.51 -25.95 -15.52
N LYS B 526 -28.39 -25.28 -15.27
CA LYS B 526 -27.07 -25.88 -15.39
C LYS B 526 -26.55 -26.31 -14.01
N TYR B 527 -27.25 -27.27 -13.42
CA TYR B 527 -26.94 -27.73 -12.08
C TYR B 527 -25.77 -28.72 -12.14
N VAL B 528 -24.60 -28.29 -11.71
CA VAL B 528 -23.42 -29.13 -11.62
C VAL B 528 -23.15 -29.40 -10.14
N PRO B 529 -23.17 -30.65 -9.69
CA PRO B 529 -22.98 -30.92 -8.26
C PRO B 529 -21.59 -30.49 -7.80
N LEU B 530 -21.52 -30.06 -6.54
CA LEU B 530 -20.26 -29.64 -5.95
C LEU B 530 -19.29 -30.81 -5.86
N THR B 531 -18.00 -30.54 -6.06
CA THR B 531 -16.96 -31.55 -6.00
C THR B 531 -15.79 -31.03 -5.17
N TYR B 532 -15.04 -31.96 -4.60
CA TYR B 532 -13.84 -31.63 -3.84
C TYR B 532 -12.60 -32.01 -4.63
N ASN B 533 -11.66 -31.07 -4.74
CA ASN B 533 -10.40 -31.27 -5.47
C ASN B 533 -10.66 -31.72 -6.90
N LYS B 534 -11.80 -31.29 -7.45
CA LYS B 534 -12.27 -31.62 -8.80
C LYS B 534 -12.15 -33.12 -9.11
N THR B 535 -12.14 -33.96 -8.08
CA THR B 535 -12.02 -35.40 -8.25
C THR B 535 -12.96 -36.22 -7.38
N TYR B 536 -13.58 -35.63 -6.36
CA TYR B 536 -14.45 -36.36 -5.45
C TYR B 536 -15.87 -35.86 -5.57
N VAL B 537 -16.82 -36.80 -5.66
CA VAL B 537 -18.24 -36.48 -5.77
C VAL B 537 -18.94 -36.90 -4.49
N TYR B 538 -19.71 -35.98 -3.92
CA TYR B 538 -20.44 -36.28 -2.70
C TYR B 538 -21.69 -37.09 -3.00
N PRO B 539 -22.16 -37.89 -2.05
CA PRO B 539 -23.40 -38.64 -2.25
C PRO B 539 -24.61 -37.72 -2.24
N ASN B 540 -25.75 -38.28 -2.64
CA ASN B 540 -26.98 -37.50 -2.76
C ASN B 540 -27.42 -36.94 -1.40
N TRP B 541 -27.32 -37.75 -0.35
CA TRP B 541 -27.73 -37.28 0.97
C TRP B 541 -26.84 -36.16 1.46
N ALA B 542 -25.54 -36.21 1.13
CA ALA B 542 -24.63 -35.16 1.55
C ALA B 542 -25.02 -33.82 0.94
N ILE B 543 -25.42 -33.83 -0.34
CA ILE B 543 -25.88 -32.60 -0.99
C ILE B 543 -27.15 -32.10 -0.30
N GLY B 544 -28.06 -33.01 0.02
CA GLY B 544 -29.28 -32.60 0.72
C GLY B 544 -28.99 -31.98 2.07
N LEU B 545 -28.00 -32.52 2.79
CA LEU B 545 -27.62 -31.94 4.07
C LEU B 545 -27.10 -30.51 3.89
N GLY B 546 -26.28 -30.29 2.86
CA GLY B 546 -25.81 -28.95 2.59
C GLY B 546 -26.91 -28.01 2.17
N TRP B 547 -27.83 -28.49 1.32
CA TRP B 547 -28.94 -27.64 0.88
C TRP B 547 -29.89 -27.33 2.03
N SER B 548 -30.14 -28.31 2.90
CA SER B 548 -30.99 -28.07 4.06
C SER B 548 -30.43 -26.93 4.91
N LEU B 549 -29.11 -26.84 4.99
CA LEU B 549 -28.46 -25.73 5.66
C LEU B 549 -28.78 -24.41 4.96
N ALA B 550 -28.68 -24.40 3.63
CA ALA B 550 -29.10 -23.23 2.87
C ALA B 550 -30.58 -22.98 3.04
N LEU B 551 -31.39 -24.03 2.92
CA LEU B 551 -32.83 -23.88 3.08
C LEU B 551 -33.21 -23.41 4.47
N SER B 552 -32.40 -23.78 5.48
CA SER B 552 -32.60 -23.22 6.81
C SER B 552 -32.43 -21.71 6.79
N SER B 553 -31.43 -21.23 6.05
CA SER B 553 -31.28 -19.79 5.85
C SER B 553 -32.30 -19.27 4.84
N MET B 554 -32.67 -20.08 3.85
CA MET B 554 -33.66 -19.63 2.87
C MET B 554 -35.02 -19.37 3.51
N LEU B 555 -35.53 -20.34 4.27
CA LEU B 555 -36.90 -20.26 4.75
C LEU B 555 -37.10 -19.26 5.87
N CYS B 556 -36.05 -18.54 6.28
CA CYS B 556 -36.22 -17.52 7.32
C CYS B 556 -37.19 -16.44 6.86
N VAL B 557 -37.05 -15.99 5.62
CA VAL B 557 -37.91 -14.93 5.08
C VAL B 557 -39.29 -15.48 4.71
N PRO B 558 -39.42 -16.47 3.82
CA PRO B 558 -40.77 -16.87 3.40
C PRO B 558 -41.68 -17.29 4.53
N LEU B 559 -41.12 -17.89 5.59
CA LEU B 559 -41.96 -18.30 6.71
C LEU B 559 -42.43 -17.10 7.53
N VAL B 560 -41.59 -16.07 7.68
CA VAL B 560 -41.94 -14.99 8.59
C VAL B 560 -43.14 -14.20 8.07
N ILE B 561 -43.22 -13.99 6.75
CA ILE B 561 -44.42 -13.37 6.20
C ILE B 561 -45.64 -14.24 6.48
N VAL B 562 -45.50 -15.56 6.32
CA VAL B 562 -46.56 -16.46 6.76
C VAL B 562 -46.78 -16.32 8.25
N ILE B 563 -45.70 -16.17 9.01
CA ILE B 563 -45.82 -15.97 10.46
C ILE B 563 -46.44 -14.61 10.76
N ARG B 564 -45.95 -13.56 10.08
CA ARG B 564 -46.40 -12.20 10.42
C ARG B 564 -47.84 -11.94 9.98
N LEU B 565 -48.35 -12.68 9.00
CA LEU B 565 -49.69 -12.39 8.51
C LEU B 565 -50.78 -12.91 9.43
N CYS B 566 -50.47 -13.94 10.23
CA CYS B 566 -51.51 -14.61 11.01
C CYS B 566 -52.09 -13.73 12.11
N GLN B 567 -51.26 -12.98 12.82
CA GLN B 567 -51.76 -12.15 13.92
C GLN B 567 -52.41 -10.87 13.39
C1 CLR C . 14.25 -11.28 -1.70
C2 CLR C . 14.72 -12.33 -2.72
C3 CLR C . 16.16 -12.73 -2.44
C4 CLR C . 16.28 -13.28 -1.02
C5 CLR C . 15.76 -12.28 0.00
C6 CLR C . 16.51 -11.98 1.06
C7 CLR C . 16.08 -11.07 2.16
C8 CLR C . 14.59 -10.73 2.12
C9 CLR C . 14.13 -10.50 0.69
C10 CLR C . 14.37 -11.73 -0.23
C11 CLR C . 12.68 -9.99 0.66
C12 CLR C . 12.45 -8.77 1.55
C13 CLR C . 12.85 -9.03 3.01
C14 CLR C . 14.31 -9.50 2.95
C15 CLR C . 14.76 -9.51 4.42
C16 CLR C . 14.03 -8.29 5.01
C17 CLR C . 13.02 -7.79 3.94
C18 CLR C . 11.95 -10.11 3.62
C19 CLR C . 13.35 -12.85 0.05
C20 CLR C . 11.86 -7.01 4.62
C21 CLR C . 11.44 -7.56 5.98
C22 CLR C . 10.64 -6.83 3.71
C23 CLR C . 10.34 -5.39 3.26
C24 CLR C . 10.45 -4.40 4.42
C25 CLR C . 9.15 -3.71 4.82
C26 CLR C . 8.56 -2.97 3.64
C27 CLR C . 8.13 -4.69 5.40
O1 CLR C . 16.55 -13.69 -3.40
C1 CLR D . 3.25 -9.41 -15.30
C2 CLR D . 4.39 -10.27 -15.85
C3 CLR D . 3.94 -11.03 -17.08
C4 CLR D . 3.45 -10.05 -18.14
C5 CLR D . 2.37 -9.14 -17.60
C6 CLR D . 1.23 -8.99 -18.28
C7 CLR D . 0.12 -8.08 -17.88
C8 CLR D . 0.50 -7.11 -16.78
C9 CLR D . 1.36 -7.80 -15.72
C10 CLR D . 2.66 -8.41 -16.32
C11 CLR D . 1.60 -6.89 -14.53
C12 CLR D . 0.31 -6.31 -13.94
C13 CLR D . -0.52 -5.55 -14.97
C14 CLR D . -0.74 -6.54 -16.13
C15 CLR D . -1.76 -5.85 -17.03
C16 CLR D . -2.68 -5.12 -16.02
C17 CLR D . -2.01 -5.23 -14.63
C18 CLR D . 0.24 -4.31 -15.47
C19 CLR D . 3.70 -7.31 -16.61
C20 CLR D . -2.49 -4.08 -13.72
C21 CLR D . -2.72 -2.75 -14.44
C22 CLR D . -1.60 -3.87 -12.48
C23 CLR D . -2.23 -4.19 -11.13
C24 CLR D . -3.66 -3.64 -11.01
C25 CLR D . -3.85 -2.55 -9.96
C26 CLR D . -3.45 -3.07 -8.58
C27 CLR D . -3.08 -1.28 -10.29
O1 CLR D . 5.02 -11.81 -17.54
#